data_4H3H
#
_entry.id   4H3H
#
_cell.length_a   66.819
_cell.length_b   97.742
_cell.length_c   104.603
_cell.angle_alpha   90.00
_cell.angle_beta   98.63
_cell.angle_gamma   90.00
#
_symmetry.space_group_name_H-M   'P 1 21 1'
#
loop_
_entity.id
_entity.type
_entity.pdbx_description
1 polymer Symplekin
2 polymer 'RNA polymerase II subunit A C-terminal domain phosphatase SSU72'
3 polymer 'Pol II CTD peptide'
4 non-polymer 'PHOSPHATE ION'
5 water water
#
loop_
_entity_poly.entity_id
_entity_poly.type
_entity_poly.pdbx_seq_one_letter_code
_entity_poly.pdbx_strand_id
1 'polypeptide(L)'
;MGSSHHHHHHSSGLVPRGSHMTTSERVVDLLNQAALITNDSKITVLKQVQELIINKDPTLLDNFLDEIIAFQADKSIEVR
KFVIGFIEEACKRDIELLLKLIANLNMLLRDENVNVVKKAILTMTQLYKVALQWMVKSRVISELQEACWDMVSAMAGDII
LLLDSDNDGIRTHAIKFVEGLIVTLSPRMADSEIPRRQEHDISLDRIPRDHPYIQYNVLWEEGKAALEQLLKFMVHPAIS
SINLTTALGSLANIARQRPMFMSEVIQAYETLHANLPPTLAKSQVSSVRKNLKLHLLSVLKHPASLEFQAQITTLLVDLG
TPQAEIARNMPSSKDTRKRPRDDSDSTLKKM
;
A,D
2 'polypeptide(L)'
;MGSSHHHHHHSSGLVPRGSHMPSSPLRVAVVSSSNQNRSMEAHNILSKRGFSVRSFGTGTHVKLPGPAPDKPNVYDFKTT
YDQMYNDLLRKDKELYTQNGILHMLDRNKRIKPRPERFQNCKDLFDLILTCEERVYDQVVEDLNSREQETCQPVHVVNVD
IQDNHEEATLGAFLICELCQCIQHTEDMENEIDELLQEFEEKSGRTFLHTVCFY
;
B,E
3 'polypeptide(L)' SPTSP(SEP)YSPP F
#
loop_
_chem_comp.id
_chem_comp.type
_chem_comp.name
_chem_comp.formula
PO4 non-polymer 'PHOSPHATE ION' 'O4 P -3'
#
# COMPACT_ATOMS: atom_id res chain seq x y z
N VAL A 15 -54.61 1.91 23.86
CA VAL A 15 -54.90 3.37 23.66
C VAL A 15 -56.26 3.78 24.24
N PRO A 16 -56.25 4.59 25.28
CA PRO A 16 -57.48 5.13 25.86
C PRO A 16 -58.37 5.90 24.87
N ARG A 17 -59.63 5.49 24.87
CA ARG A 17 -60.68 5.85 23.94
C ARG A 17 -60.36 5.62 22.48
N GLY A 18 -59.39 4.79 22.22
CA GLY A 18 -59.03 4.45 20.89
C GLY A 18 -60.18 3.96 20.05
N SER A 19 -61.06 3.18 20.65
CA SER A 19 -62.14 2.58 19.90
C SER A 19 -63.15 3.63 19.46
N HIS A 20 -63.02 4.84 19.99
CA HIS A 20 -63.93 5.91 19.62
C HIS A 20 -63.36 6.88 18.56
N MET A 21 -62.10 6.66 18.23
CA MET A 21 -61.37 7.50 17.28
C MET A 21 -61.47 6.92 15.85
N THR A 22 -61.32 7.77 14.85
CA THR A 22 -61.05 7.32 13.47
C THR A 22 -59.56 7.24 13.35
N THR A 23 -59.08 6.41 12.43
CA THR A 23 -57.66 6.19 12.31
C THR A 23 -56.91 7.45 11.85
N SER A 24 -57.56 8.18 10.98
CA SER A 24 -57.06 9.40 10.41
C SER A 24 -56.80 10.47 11.51
N GLU A 25 -57.80 10.67 12.38
CA GLU A 25 -57.64 11.52 13.57
C GLU A 25 -56.48 11.09 14.44
N ARG A 26 -56.36 9.79 14.67
CA ARG A 26 -55.24 9.29 15.46
C ARG A 26 -53.92 9.60 14.75
N VAL A 27 -53.91 9.42 13.44
CA VAL A 27 -52.71 9.71 12.67
C VAL A 27 -52.27 11.18 12.77
N VAL A 28 -53.21 12.09 12.63
CA VAL A 28 -52.91 13.49 12.68
C VAL A 28 -52.40 13.85 14.08
N ASP A 29 -53.06 13.32 15.11
CA ASP A 29 -52.60 13.54 16.49
C ASP A 29 -51.15 13.09 16.64
N LEU A 30 -50.84 11.87 16.21
CA LEU A 30 -49.48 11.33 16.35
C LEU A 30 -48.43 12.12 15.55
N LEU A 31 -48.79 12.54 14.35
CA LEU A 31 -47.90 13.37 13.52
C LEU A 31 -47.57 14.71 14.23
N ASN A 32 -48.56 15.33 14.84
CA ASN A 32 -48.32 16.57 15.56
C ASN A 32 -47.52 16.31 16.82
N GLN A 33 -47.80 15.19 17.51
CA GLN A 33 -46.98 14.77 18.62
C GLN A 33 -45.52 14.63 18.20
N ALA A 34 -45.28 13.99 17.05
CA ALA A 34 -43.93 13.73 16.63
C ALA A 34 -43.21 15.05 16.40
N ALA A 35 -43.95 16.08 15.97
CA ALA A 35 -43.39 17.42 15.78
C ALA A 35 -42.95 18.04 17.09
N LEU A 36 -43.65 17.71 18.17
CA LEU A 36 -43.32 18.27 19.48
C LEU A 36 -42.00 17.75 20.03
N ILE A 37 -41.60 16.54 19.60
CA ILE A 37 -40.49 15.78 20.20
C ILE A 37 -39.18 16.09 19.46
N THR A 38 -38.12 16.41 20.21
CA THR A 38 -36.87 16.89 19.60
C THR A 38 -35.72 15.88 19.74
N ASN A 39 -36.05 14.60 19.89
CA ASN A 39 -35.00 13.59 19.98
C ASN A 39 -35.46 12.36 19.23
N ASP A 40 -34.66 11.30 19.26
CA ASP A 40 -34.97 10.08 18.52
C ASP A 40 -36.23 9.32 18.94
N SER A 41 -36.74 9.54 20.14
CA SER A 41 -37.96 8.88 20.55
C SER A 41 -39.17 9.25 19.66
N LYS A 42 -39.01 10.28 18.82
CA LYS A 42 -40.04 10.63 17.88
C LYS A 42 -40.23 9.46 16.86
N ILE A 43 -39.20 8.64 16.71
CA ILE A 43 -39.29 7.50 15.79
C ILE A 43 -40.33 6.49 16.24
N THR A 44 -40.41 6.25 17.54
CA THR A 44 -41.47 5.41 18.10
C THR A 44 -42.86 5.94 17.70
N VAL A 45 -43.05 7.25 17.73
CA VAL A 45 -44.33 7.83 17.35
C VAL A 45 -44.59 7.55 15.86
N LEU A 46 -43.56 7.83 15.05
CA LEU A 46 -43.64 7.73 13.60
C LEU A 46 -43.81 6.29 13.16
N LYS A 47 -43.32 5.33 13.93
CA LYS A 47 -43.59 3.90 13.64
C LYS A 47 -45.03 3.50 13.96
N GLN A 48 -45.64 4.10 14.99
CA GLN A 48 -47.06 3.91 15.21
C GLN A 48 -47.84 4.46 13.99
N VAL A 49 -47.51 5.67 13.51
CA VAL A 49 -48.16 6.24 12.34
C VAL A 49 -48.00 5.22 11.19
N GLN A 50 -46.77 4.73 10.96
CA GLN A 50 -46.52 3.80 9.85
C GLN A 50 -47.46 2.59 9.92
N GLU A 51 -47.55 2.00 11.09
CA GLU A 51 -48.37 0.82 11.25
C GLU A 51 -49.82 1.12 10.87
N LEU A 52 -50.31 2.32 11.23
CA LEU A 52 -51.73 2.64 10.99
C LEU A 52 -52.06 2.90 9.53
N ILE A 53 -51.18 3.59 8.78
CA ILE A 53 -51.50 3.97 7.38
C ILE A 53 -50.93 2.94 6.35
N ILE A 54 -50.15 1.96 6.82
CA ILE A 54 -49.71 0.87 5.93
C ILE A 54 -50.47 -0.42 6.16
N ASN A 55 -50.72 -0.75 7.43
CA ASN A 55 -51.37 -2.01 7.79
C ASN A 55 -52.82 -1.92 8.26
N LYS A 56 -53.11 -1.03 9.21
CA LYS A 56 -54.50 -0.93 9.68
C LYS A 56 -55.46 -0.39 8.61
N ASP A 57 -55.09 0.73 8.00
CA ASP A 57 -55.92 1.35 6.98
C ASP A 57 -55.13 1.94 5.80
N PRO A 58 -54.73 1.09 4.82
CA PRO A 58 -53.88 1.59 3.74
C PRO A 58 -54.57 2.57 2.80
N THR A 59 -55.87 2.82 2.96
CA THR A 59 -56.51 3.82 2.11
C THR A 59 -56.08 5.22 2.52
N LEU A 60 -55.31 5.31 3.63
CA LEU A 60 -54.87 6.61 4.21
C LEU A 60 -53.42 6.91 3.83
N LEU A 61 -52.78 5.93 3.21
CA LEU A 61 -51.38 6.00 2.84
C LEU A 61 -51.02 7.19 1.95
N ASP A 62 -51.71 7.33 0.83
CA ASP A 62 -51.59 8.52 -0.03
C ASP A 62 -51.82 9.84 0.68
N ASN A 63 -52.88 9.90 1.49
CA ASN A 63 -53.26 11.12 2.21
C ASN A 63 -52.14 11.67 3.12
N PHE A 64 -51.40 10.76 3.75
CA PHE A 64 -50.43 11.17 4.78
C PHE A 64 -48.98 11.10 4.34
N LEU A 65 -48.78 10.73 3.09
CA LEU A 65 -47.46 10.45 2.56
C LEU A 65 -46.52 11.62 2.70
N ASP A 66 -46.96 12.83 2.33
CA ASP A 66 -46.11 14.02 2.40
C ASP A 66 -45.67 14.34 3.84
N GLU A 67 -46.56 14.09 4.81
CA GLU A 67 -46.29 14.38 6.21
C GLU A 67 -45.17 13.50 6.73
N ILE A 68 -45.16 12.23 6.35
CA ILE A 68 -44.05 11.36 6.73
C ILE A 68 -42.78 11.72 5.95
N ILE A 69 -42.92 11.94 4.65
CA ILE A 69 -41.76 12.11 3.78
C ILE A 69 -41.07 13.43 4.15
N ALA A 70 -41.80 14.38 4.70
CA ALA A 70 -41.18 15.60 5.17
C ALA A 70 -40.04 15.38 6.18
N PHE A 71 -40.04 14.25 6.89
CA PHE A 71 -38.98 13.96 7.88
C PHE A 71 -37.65 13.58 7.24
N GLN A 72 -37.62 13.47 5.92
CA GLN A 72 -36.39 13.13 5.21
C GLN A 72 -35.36 14.26 5.40
N ALA A 73 -35.82 15.44 5.80
CA ALA A 73 -34.94 16.58 6.00
C ALA A 73 -34.52 16.70 7.49
N ASP A 74 -34.95 15.73 8.30
CA ASP A 74 -34.63 15.80 9.71
C ASP A 74 -33.11 15.62 9.88
N LYS A 75 -32.56 16.28 10.89
CA LYS A 75 -31.12 16.23 11.18
C LYS A 75 -30.71 14.90 11.79
N SER A 76 -31.66 14.18 12.36
CA SER A 76 -31.31 12.90 12.92
C SER A 76 -31.13 11.79 11.87
N ILE A 77 -30.00 11.09 12.01
CA ILE A 77 -29.60 9.96 11.18
C ILE A 77 -30.62 8.86 11.23
N GLU A 78 -31.08 8.60 12.45
CA GLU A 78 -32.05 7.53 12.65
C GLU A 78 -33.39 7.93 12.09
N VAL A 79 -33.73 9.22 12.18
CA VAL A 79 -34.98 9.68 11.56
C VAL A 79 -34.95 9.47 10.05
N ARG A 80 -33.85 9.82 9.38
CA ARG A 80 -33.79 9.63 7.94
C ARG A 80 -33.78 8.17 7.56
N LYS A 81 -33.20 7.31 8.41
CA LYS A 81 -33.23 5.86 8.16
C LYS A 81 -34.64 5.37 8.30
N PHE A 82 -35.36 5.92 9.28
CA PHE A 82 -36.75 5.54 9.45
C PHE A 82 -37.53 5.88 8.16
N VAL A 83 -37.27 7.05 7.61
CA VAL A 83 -38.00 7.46 6.44
C VAL A 83 -37.73 6.49 5.27
N ILE A 84 -36.47 6.00 5.14
CA ILE A 84 -36.13 5.08 4.07
C ILE A 84 -36.92 3.80 4.26
N GLY A 85 -36.95 3.29 5.50
CA GLY A 85 -37.76 2.09 5.79
C GLY A 85 -39.25 2.29 5.51
N PHE A 86 -39.72 3.52 5.70
CA PHE A 86 -41.11 3.78 5.47
C PHE A 86 -41.39 3.76 3.96
N ILE A 87 -40.51 4.39 3.21
CA ILE A 87 -40.63 4.29 1.75
C ILE A 87 -40.69 2.81 1.30
N GLU A 88 -39.86 1.99 1.92
CA GLU A 88 -39.81 0.57 1.56
C GLU A 88 -41.16 -0.10 1.81
N GLU A 89 -41.72 0.09 3.00
CA GLU A 89 -42.99 -0.53 3.34
C GLU A 89 -44.12 0.06 2.53
N ALA A 90 -44.06 1.37 2.25
CA ALA A 90 -45.15 2.05 1.54
C ALA A 90 -45.23 1.50 0.11
N CYS A 91 -44.07 1.36 -0.52
CA CYS A 91 -43.98 0.80 -1.88
C CYS A 91 -44.36 -0.69 -1.96
N LYS A 92 -44.01 -1.47 -0.95
CA LYS A 92 -44.51 -2.87 -0.92
C LYS A 92 -46.01 -2.94 -0.78
N ARG A 93 -46.59 -2.01 -0.04
CA ARG A 93 -48.02 -2.04 0.11
C ARG A 93 -48.65 -1.62 -1.23
N ASP A 94 -48.07 -0.59 -1.85
CA ASP A 94 -48.66 -0.01 -3.07
C ASP A 94 -47.56 0.54 -3.97
N ILE A 95 -47.14 -0.32 -4.89
CA ILE A 95 -45.95 -0.06 -5.71
C ILE A 95 -46.08 1.21 -6.59
N GLU A 96 -47.31 1.66 -6.85
CA GLU A 96 -47.56 2.87 -7.63
C GLU A 96 -47.04 4.16 -6.99
N LEU A 97 -46.85 4.11 -5.67
CA LEU A 97 -46.22 5.20 -4.91
C LEU A 97 -44.73 5.42 -5.29
N LEU A 98 -44.09 4.41 -5.88
CA LEU A 98 -42.75 4.63 -6.42
C LEU A 98 -42.72 5.79 -7.40
N LEU A 99 -43.81 6.03 -8.12
CA LEU A 99 -43.88 7.17 -9.04
C LEU A 99 -43.54 8.49 -8.34
N LYS A 100 -43.91 8.60 -7.09
CA LYS A 100 -43.68 9.87 -6.37
C LYS A 100 -42.64 9.80 -5.30
N LEU A 101 -42.01 8.63 -5.15
CA LEU A 101 -41.03 8.37 -4.07
C LEU A 101 -39.61 7.92 -4.56
N ILE A 102 -39.48 7.56 -5.82
CA ILE A 102 -38.16 7.16 -6.35
C ILE A 102 -37.13 8.34 -6.26
N ALA A 103 -37.57 9.56 -6.63
CA ALA A 103 -36.73 10.76 -6.47
C ALA A 103 -36.24 10.92 -5.00
N ASN A 104 -37.12 10.72 -4.03
CA ASN A 104 -36.72 10.87 -2.65
C ASN A 104 -35.75 9.78 -2.25
N LEU A 105 -35.96 8.57 -2.77
CA LEU A 105 -35.13 7.46 -2.36
C LEU A 105 -33.76 7.68 -2.96
N ASN A 106 -33.69 8.16 -4.19
CA ASN A 106 -32.37 8.36 -4.81
C ASN A 106 -31.64 9.52 -4.14
N MET A 107 -32.39 10.52 -3.70
CA MET A 107 -31.72 11.59 -2.99
C MET A 107 -31.16 11.10 -1.66
N LEU A 108 -31.87 10.17 -1.03
CA LEU A 108 -31.41 9.60 0.25
C LEU A 108 -30.19 8.65 0.05
N LEU A 109 -30.09 8.02 -1.14
CA LEU A 109 -28.88 7.27 -1.51
C LEU A 109 -27.69 8.20 -1.49
N ARG A 110 -27.96 9.51 -1.65
CA ARG A 110 -26.88 10.44 -1.82
C ARG A 110 -26.63 11.24 -0.54
N ASP A 111 -27.20 10.79 0.58
CA ASP A 111 -27.07 11.49 1.88
C ASP A 111 -25.62 11.69 2.27
N GLU A 112 -25.34 12.74 3.04
CA GLU A 112 -23.99 13.02 3.52
C GLU A 112 -23.53 11.92 4.50
N ASN A 113 -24.47 11.20 5.11
CA ASN A 113 -24.09 10.23 6.13
C ASN A 113 -24.15 8.81 5.59
N VAL A 114 -23.07 8.05 5.81
CA VAL A 114 -22.92 6.76 5.16
C VAL A 114 -23.93 5.73 5.65
N ASN A 115 -24.41 5.88 6.89
CA ASN A 115 -25.38 4.93 7.43
C ASN A 115 -26.73 5.12 6.77
N VAL A 116 -27.05 6.37 6.39
CA VAL A 116 -28.27 6.64 5.62
C VAL A 116 -28.10 6.06 4.21
N VAL A 117 -26.94 6.29 3.59
CA VAL A 117 -26.62 5.67 2.29
C VAL A 117 -26.80 4.14 2.33
N LYS A 118 -26.26 3.51 3.34
CA LYS A 118 -26.28 2.05 3.40
C LYS A 118 -27.68 1.51 3.53
N LYS A 119 -28.51 2.20 4.34
CA LYS A 119 -29.89 1.81 4.49
C LYS A 119 -30.65 1.94 3.12
N ALA A 120 -30.37 3.01 2.37
CA ALA A 120 -30.95 3.17 1.06
C ALA A 120 -30.56 2.02 0.15
N ILE A 121 -29.32 1.54 0.24
CA ILE A 121 -28.90 0.42 -0.64
C ILE A 121 -29.72 -0.84 -0.32
N LEU A 122 -29.90 -1.15 0.97
CA LEU A 122 -30.69 -2.31 1.39
C LEU A 122 -32.13 -2.17 0.99
N THR A 123 -32.62 -0.94 0.99
CA THR A 123 -34.00 -0.74 0.62
C THR A 123 -34.15 -0.93 -0.89
N MET A 124 -33.19 -0.48 -1.68
CA MET A 124 -33.27 -0.74 -3.12
C MET A 124 -33.16 -2.22 -3.45
N THR A 125 -32.41 -2.94 -2.62
CA THR A 125 -32.24 -4.37 -2.81
C THR A 125 -33.60 -5.07 -2.62
N GLN A 126 -34.46 -4.48 -1.79
CA GLN A 126 -35.84 -4.97 -1.64
C GLN A 126 -36.77 -4.45 -2.74
N LEU A 127 -36.62 -3.18 -3.12
CA LEU A 127 -37.56 -2.56 -4.06
C LEU A 127 -37.33 -2.87 -5.55
N TYR A 128 -36.09 -3.14 -5.97
CA TYR A 128 -35.85 -3.22 -7.42
C TYR A 128 -36.76 -4.34 -7.98
N LYS A 129 -36.77 -5.47 -7.32
CA LYS A 129 -37.54 -6.62 -7.82
C LYS A 129 -39.06 -6.40 -7.72
N VAL A 130 -39.49 -5.64 -6.73
CA VAL A 130 -40.91 -5.27 -6.66
C VAL A 130 -41.33 -4.37 -7.82
N ALA A 131 -40.48 -3.39 -8.12
CA ALA A 131 -40.68 -2.50 -9.28
C ALA A 131 -40.70 -3.27 -10.62
N LEU A 132 -39.79 -4.23 -10.76
CA LEU A 132 -39.68 -4.99 -12.02
C LEU A 132 -40.94 -5.87 -12.21
N GLN A 133 -41.41 -6.50 -11.12
CA GLN A 133 -42.68 -7.23 -11.15
C GLN A 133 -43.83 -6.35 -11.60
N TRP A 134 -43.92 -5.17 -10.99
CA TRP A 134 -44.90 -4.16 -11.36
C TRP A 134 -44.88 -3.89 -12.85
N MET A 135 -43.67 -3.70 -13.41
CA MET A 135 -43.51 -3.46 -14.84
C MET A 135 -43.96 -4.69 -15.66
N VAL A 136 -43.62 -5.89 -15.20
CA VAL A 136 -43.98 -7.11 -15.89
C VAL A 136 -45.49 -7.37 -15.89
N LYS A 137 -46.13 -7.05 -14.81
CA LYS A 137 -47.52 -7.33 -14.63
C LYS A 137 -48.46 -6.29 -15.19
N SER A 138 -47.94 -5.11 -15.44
CA SER A 138 -48.76 -3.98 -15.79
C SER A 138 -49.48 -4.15 -17.10
N ARG A 139 -50.79 -4.04 -17.00
CA ARG A 139 -51.66 -4.10 -18.14
C ARG A 139 -51.23 -2.99 -19.04
N VAL A 140 -51.50 -1.80 -18.58
CA VAL A 140 -51.00 -0.73 -19.35
C VAL A 140 -49.98 0.10 -18.69
N ILE A 141 -49.15 0.59 -19.54
CA ILE A 141 -48.01 1.35 -19.01
C ILE A 141 -47.85 2.82 -19.43
N SER A 142 -48.06 3.72 -18.51
CA SER A 142 -47.95 5.19 -18.74
C SER A 142 -46.51 5.70 -19.00
N GLU A 143 -46.42 6.92 -19.55
CA GLU A 143 -45.13 7.56 -19.81
C GLU A 143 -44.43 7.83 -18.48
N LEU A 144 -45.23 8.07 -17.44
CA LEU A 144 -44.70 8.29 -16.12
C LEU A 144 -44.13 7.02 -15.49
N GLN A 145 -44.84 5.92 -15.69
CA GLN A 145 -44.37 4.60 -15.24
C GLN A 145 -43.13 4.15 -16.02
N GLU A 146 -43.08 4.36 -17.34
CA GLU A 146 -41.81 4.17 -18.05
C GLU A 146 -40.66 4.99 -17.42
N ALA A 147 -40.90 6.28 -17.16
CA ALA A 147 -39.85 7.14 -16.61
C ALA A 147 -39.46 6.67 -15.21
N CYS A 148 -40.44 6.22 -14.41
CA CYS A 148 -40.15 5.65 -13.12
C CYS A 148 -39.23 4.40 -13.22
N TRP A 149 -39.51 3.50 -14.16
CA TRP A 149 -38.59 2.39 -14.41
C TRP A 149 -37.21 2.85 -14.85
N ASP A 150 -37.13 3.90 -15.68
CA ASP A 150 -35.80 4.45 -16.05
C ASP A 150 -35.00 4.89 -14.82
N MET A 151 -35.72 5.39 -13.82
CA MET A 151 -35.17 5.91 -12.58
C MET A 151 -34.68 4.78 -11.68
N VAL A 152 -35.50 3.75 -11.55
CA VAL A 152 -35.13 2.62 -10.75
C VAL A 152 -33.88 1.99 -11.36
N SER A 153 -33.92 1.81 -12.66
CA SER A 153 -32.84 1.16 -13.38
C SER A 153 -31.52 1.97 -13.34
N ALA A 154 -31.62 3.30 -13.49
CA ALA A 154 -30.43 4.16 -13.36
C ALA A 154 -29.90 4.14 -11.89
N MET A 155 -30.79 4.08 -10.91
CA MET A 155 -30.38 3.96 -9.52
C MET A 155 -29.68 2.63 -9.23
N ALA A 156 -30.18 1.54 -9.83
CA ALA A 156 -29.47 0.25 -9.80
C ALA A 156 -28.06 0.39 -10.38
N GLY A 157 -27.95 1.05 -11.52
CA GLY A 157 -26.65 1.36 -12.07
C GLY A 157 -25.77 2.18 -11.12
N ASP A 158 -26.34 3.15 -10.40
CA ASP A 158 -25.55 4.00 -9.48
C ASP A 158 -25.01 3.11 -8.36
N ILE A 159 -25.83 2.16 -7.89
CA ILE A 159 -25.39 1.31 -6.82
C ILE A 159 -24.26 0.36 -7.29
N ILE A 160 -24.38 -0.16 -8.51
CA ILE A 160 -23.31 -0.97 -9.08
C ILE A 160 -22.00 -0.14 -9.08
N LEU A 161 -22.09 1.13 -9.47
CA LEU A 161 -20.93 2.03 -9.42
C LEU A 161 -20.40 2.26 -8.00
N LEU A 162 -21.23 2.08 -6.95
CA LEU A 162 -20.73 2.22 -5.57
C LEU A 162 -19.71 1.13 -5.14
N LEU A 163 -19.58 0.07 -5.94
CA LEU A 163 -18.47 -0.86 -5.81
C LEU A 163 -17.12 -0.13 -5.89
N ASP A 164 -17.08 1.05 -6.54
CA ASP A 164 -15.83 1.82 -6.57
C ASP A 164 -15.85 2.96 -5.55
N SER A 165 -16.78 2.93 -4.61
CA SER A 165 -16.73 3.88 -3.48
C SER A 165 -15.39 3.75 -2.72
N ASP A 166 -14.97 4.83 -2.07
CA ASP A 166 -13.80 4.78 -1.20
C ASP A 166 -14.17 4.34 0.24
N ASN A 167 -15.43 3.96 0.47
CA ASN A 167 -15.90 3.58 1.81
C ASN A 167 -16.18 2.08 1.87
N ASP A 168 -15.57 1.40 2.85
CA ASP A 168 -15.64 -0.07 2.88
C ASP A 168 -17.07 -0.59 3.12
N GLY A 169 -17.82 0.11 3.97
CA GLY A 169 -19.18 -0.33 4.30
C GLY A 169 -20.13 -0.13 3.13
N ILE A 170 -19.93 0.96 2.38
CA ILE A 170 -20.75 1.18 1.20
C ILE A 170 -20.45 0.10 0.14
N ARG A 171 -19.18 -0.22 -0.09
CA ARG A 171 -18.85 -1.32 -1.00
C ARG A 171 -19.50 -2.68 -0.59
N THR A 172 -19.42 -3.04 0.68
CA THR A 172 -20.06 -4.24 1.17
C THR A 172 -21.56 -4.23 0.83
N HIS A 173 -22.23 -3.11 1.07
CA HIS A 173 -23.68 -3.05 0.77
C HIS A 173 -23.96 -3.11 -0.74
N ALA A 174 -23.10 -2.46 -1.52
CA ALA A 174 -23.25 -2.47 -2.97
C ALA A 174 -23.14 -3.91 -3.50
N ILE A 175 -22.21 -4.69 -2.90
CA ILE A 175 -22.02 -6.10 -3.32
C ILE A 175 -23.31 -6.88 -3.09
N LYS A 176 -23.95 -6.63 -1.93
CA LYS A 176 -25.20 -7.32 -1.63
C LYS A 176 -26.31 -6.91 -2.59
N PHE A 177 -26.42 -5.62 -2.93
CA PHE A 177 -27.39 -5.19 -3.96
C PHE A 177 -27.08 -5.92 -5.30
N VAL A 178 -25.81 -5.95 -5.67
CA VAL A 178 -25.40 -6.55 -6.93
C VAL A 178 -25.75 -8.03 -6.98
N GLU A 179 -25.53 -8.71 -5.86
CA GLU A 179 -25.92 -10.11 -5.69
C GLU A 179 -27.39 -10.29 -5.99
N GLY A 180 -28.24 -9.49 -5.34
CA GLY A 180 -29.70 -9.56 -5.55
C GLY A 180 -30.03 -9.28 -7.01
N LEU A 181 -29.38 -8.32 -7.64
CA LEU A 181 -29.67 -8.03 -9.03
C LEU A 181 -29.35 -9.22 -9.97
N ILE A 182 -28.21 -9.86 -9.75
CA ILE A 182 -27.81 -11.01 -10.62
C ILE A 182 -28.84 -12.11 -10.54
N VAL A 183 -29.36 -12.33 -9.33
CA VAL A 183 -30.28 -13.44 -9.11
C VAL A 183 -31.65 -13.11 -9.79
N THR A 184 -32.12 -11.87 -9.61
CA THR A 184 -33.38 -11.40 -10.20
C THR A 184 -33.35 -11.47 -11.71
N LEU A 185 -32.24 -11.05 -12.30
CA LEU A 185 -32.12 -11.01 -13.77
C LEU A 185 -31.52 -12.25 -14.43
N SER A 186 -31.70 -13.40 -13.78
CA SER A 186 -31.33 -14.69 -14.38
C SER A 186 -32.47 -15.66 -14.02
N PRO A 187 -32.66 -16.73 -14.82
CA PRO A 187 -33.80 -17.59 -14.54
C PRO A 187 -33.57 -18.66 -13.44
N ARG A 188 -34.62 -18.96 -12.69
CA ARG A 188 -34.65 -20.15 -11.84
C ARG A 188 -34.57 -21.34 -12.73
N MET A 189 -33.97 -22.41 -12.22
CA MET A 189 -33.85 -23.66 -12.97
C MET A 189 -34.16 -24.85 -12.06
N ALA A 190 -34.19 -26.05 -12.63
CA ALA A 190 -34.54 -27.24 -11.87
C ALA A 190 -33.70 -27.41 -10.60
N ASP A 191 -32.42 -27.08 -10.63
CA ASP A 191 -31.58 -27.24 -9.45
C ASP A 191 -31.42 -25.97 -8.58
N SER A 192 -32.22 -24.91 -8.83
CA SER A 192 -32.13 -23.70 -8.01
C SER A 192 -32.62 -24.00 -6.58
N GLU A 193 -31.83 -23.61 -5.61
CA GLU A 193 -32.15 -23.74 -4.22
C GLU A 193 -32.71 -22.38 -3.82
N ILE A 194 -34.02 -22.30 -3.60
CA ILE A 194 -34.74 -21.05 -3.46
C ILE A 194 -35.13 -20.77 -1.98
N PRO A 195 -34.74 -19.61 -1.42
CA PRO A 195 -35.13 -19.29 -0.05
C PRO A 195 -36.63 -19.20 0.08
N ARG A 196 -37.13 -19.74 1.19
CA ARG A 196 -38.59 -19.84 1.47
C ARG A 196 -39.25 -18.48 1.28
N ARG A 197 -38.65 -17.46 1.86
CA ARG A 197 -39.14 -16.10 1.77
C ARG A 197 -39.41 -15.64 0.33
N GLN A 198 -38.66 -16.22 -0.62
CA GLN A 198 -38.49 -15.62 -1.94
C GLN A 198 -39.20 -16.40 -3.04
N GLU A 199 -40.01 -17.37 -2.64
CA GLU A 199 -40.64 -18.26 -3.57
C GLU A 199 -41.35 -17.50 -4.69
N HIS A 200 -41.98 -16.38 -4.35
CA HIS A 200 -42.80 -15.67 -5.31
C HIS A 200 -42.17 -14.40 -5.86
N ASP A 201 -40.89 -14.20 -5.57
CA ASP A 201 -40.14 -13.14 -6.22
C ASP A 201 -40.03 -13.38 -7.72
N ILE A 202 -39.95 -12.29 -8.47
CA ILE A 202 -39.85 -12.35 -9.90
C ILE A 202 -38.44 -12.82 -10.29
N SER A 203 -38.35 -13.51 -11.40
CA SER A 203 -37.07 -13.89 -11.92
C SER A 203 -37.22 -13.91 -13.44
N LEU A 204 -36.09 -13.93 -14.14
CA LEU A 204 -36.05 -13.80 -15.60
C LEU A 204 -37.05 -14.70 -16.33
N ASP A 205 -37.07 -15.98 -15.95
CA ASP A 205 -37.96 -16.98 -16.60
C ASP A 205 -39.43 -16.58 -16.50
N ARG A 206 -39.76 -15.71 -15.57
CA ARG A 206 -41.16 -15.26 -15.43
C ARG A 206 -41.48 -14.05 -16.31
N ILE A 207 -40.52 -13.60 -17.10
CA ILE A 207 -40.75 -12.43 -17.93
C ILE A 207 -41.12 -12.87 -19.35
N PRO A 208 -42.36 -12.60 -19.82
CA PRO A 208 -42.68 -13.11 -21.17
C PRO A 208 -41.71 -12.61 -22.27
N ARG A 209 -41.29 -13.47 -23.17
CA ARG A 209 -40.33 -13.09 -24.22
C ARG A 209 -40.86 -11.95 -25.10
N ASP A 210 -42.18 -11.82 -25.17
CA ASP A 210 -42.82 -10.84 -26.06
C ASP A 210 -43.48 -9.69 -25.31
N HIS A 211 -42.94 -9.37 -24.15
CA HIS A 211 -43.50 -8.27 -23.37
C HIS A 211 -43.32 -6.94 -24.10
N PRO A 212 -44.41 -6.15 -24.18
CA PRO A 212 -44.45 -4.89 -24.92
C PRO A 212 -43.46 -3.84 -24.45
N TYR A 213 -42.88 -3.99 -23.27
CA TYR A 213 -41.95 -2.96 -22.79
C TYR A 213 -40.66 -3.50 -22.19
N ILE A 214 -40.78 -4.41 -21.22
CA ILE A 214 -39.60 -5.00 -20.59
C ILE A 214 -39.06 -6.09 -21.52
N GLN A 215 -37.82 -5.92 -21.94
CA GLN A 215 -37.18 -6.83 -22.88
C GLN A 215 -36.33 -7.83 -22.10
N TYR A 216 -36.77 -9.09 -22.13
CA TYR A 216 -36.06 -10.24 -21.62
C TYR A 216 -34.54 -10.20 -21.94
N ASN A 217 -34.21 -9.99 -23.20
CA ASN A 217 -32.82 -10.05 -23.71
C ASN A 217 -31.98 -8.95 -23.10
N VAL A 218 -32.55 -7.75 -22.95
CA VAL A 218 -31.81 -6.66 -22.34
C VAL A 218 -31.49 -6.95 -20.90
N LEU A 219 -32.48 -7.46 -20.16
CA LEU A 219 -32.29 -7.76 -18.73
C LEU A 219 -31.30 -8.90 -18.54
N TRP A 220 -31.38 -9.90 -19.39
CA TRP A 220 -30.41 -10.99 -19.38
C TRP A 220 -28.98 -10.43 -19.48
N GLU A 221 -28.78 -9.47 -20.39
CA GLU A 221 -27.44 -8.94 -20.60
C GLU A 221 -26.99 -8.11 -19.41
N GLU A 222 -27.91 -7.37 -18.78
CA GLU A 222 -27.59 -6.60 -17.59
C GLU A 222 -27.20 -7.51 -16.44
N GLY A 223 -27.85 -8.68 -16.34
CA GLY A 223 -27.53 -9.60 -15.25
C GLY A 223 -26.13 -10.18 -15.41
N LYS A 224 -25.82 -10.55 -16.64
CA LYS A 224 -24.48 -11.05 -16.95
C LYS A 224 -23.44 -9.95 -16.72
N ALA A 225 -23.70 -8.75 -17.22
CA ALA A 225 -22.79 -7.62 -16.99
C ALA A 225 -22.62 -7.26 -15.49
N ALA A 226 -23.69 -7.34 -14.72
CA ALA A 226 -23.60 -7.22 -13.26
C ALA A 226 -22.66 -8.29 -12.65
N LEU A 227 -22.78 -9.54 -13.10
CA LEU A 227 -21.90 -10.60 -12.66
C LEU A 227 -20.44 -10.31 -13.06
N GLU A 228 -20.21 -9.82 -14.27
CA GLU A 228 -18.85 -9.53 -14.69
C GLU A 228 -18.21 -8.43 -13.84
N GLN A 229 -18.99 -7.40 -13.53
CA GLN A 229 -18.52 -6.34 -12.68
C GLN A 229 -18.09 -6.89 -11.34
N LEU A 230 -18.87 -7.80 -10.78
CA LEU A 230 -18.51 -8.41 -9.49
C LEU A 230 -17.22 -9.29 -9.57
N LEU A 231 -17.07 -10.06 -10.64
CA LEU A 231 -15.90 -10.90 -10.85
C LEU A 231 -14.64 -10.05 -11.03
N LYS A 232 -14.74 -8.95 -11.81
CA LYS A 232 -13.69 -7.95 -11.91
C LYS A 232 -13.32 -7.32 -10.57
N PHE A 233 -14.34 -6.93 -9.81
CA PHE A 233 -14.11 -6.33 -8.50
C PHE A 233 -13.27 -7.25 -7.62
N MET A 234 -13.52 -8.53 -7.70
CA MET A 234 -12.87 -9.47 -6.82
C MET A 234 -11.39 -9.67 -7.01
N VAL A 235 -10.90 -9.40 -8.22
CA VAL A 235 -9.48 -9.51 -8.52
C VAL A 235 -8.84 -8.11 -8.51
N HIS A 236 -9.58 -7.09 -8.09
CA HIS A 236 -8.98 -5.74 -7.90
C HIS A 236 -7.87 -5.79 -6.83
N PRO A 237 -6.65 -5.34 -7.17
CA PRO A 237 -5.52 -5.43 -6.23
C PRO A 237 -5.75 -4.86 -4.82
N ALA A 238 -6.51 -3.78 -4.68
CA ALA A 238 -6.76 -3.25 -3.32
C ALA A 238 -8.00 -3.82 -2.59
N ILE A 239 -8.60 -4.90 -3.08
CA ILE A 239 -9.84 -5.33 -2.46
C ILE A 239 -9.64 -5.58 -0.93
N SER A 240 -10.52 -5.02 -0.09
CA SER A 240 -10.43 -5.18 1.39
C SER A 240 -10.84 -6.61 1.85
N SER A 241 -10.43 -6.96 3.06
CA SER A 241 -10.74 -8.27 3.59
C SER A 241 -12.27 -8.52 3.65
N ILE A 242 -13.00 -7.55 4.19
CA ILE A 242 -14.48 -7.64 4.29
C ILE A 242 -15.21 -7.66 2.93
N ASN A 243 -14.78 -6.82 1.98
CA ASN A 243 -15.39 -6.83 0.63
C ASN A 243 -15.11 -8.19 -0.05
N LEU A 244 -13.90 -8.70 0.09
CA LEU A 244 -13.61 -10.00 -0.53
C LEU A 244 -14.41 -11.13 0.13
N THR A 245 -14.44 -11.20 1.47
CA THR A 245 -15.34 -12.20 2.05
C THR A 245 -16.82 -12.03 1.70
N THR A 246 -17.28 -10.79 1.60
CA THR A 246 -18.67 -10.54 1.18
C THR A 246 -18.92 -11.08 -0.25
N ALA A 247 -18.05 -10.69 -1.18
CA ALA A 247 -18.15 -11.18 -2.56
C ALA A 247 -18.10 -12.70 -2.68
N LEU A 248 -17.23 -13.36 -1.91
CA LEU A 248 -17.17 -14.84 -1.88
C LEU A 248 -18.53 -15.47 -1.49
N GLY A 249 -19.17 -14.90 -0.47
CA GLY A 249 -20.44 -15.43 0.03
C GLY A 249 -21.56 -15.11 -0.98
N SER A 250 -21.47 -13.95 -1.61
CA SER A 250 -22.45 -13.55 -2.64
C SER A 250 -22.41 -14.52 -3.82
N LEU A 251 -21.21 -14.85 -4.27
CA LEU A 251 -21.02 -15.84 -5.33
C LEU A 251 -21.55 -17.20 -4.93
N ALA A 252 -21.32 -17.62 -3.69
CA ALA A 252 -21.86 -18.92 -3.28
C ALA A 252 -23.41 -18.91 -3.31
N ASN A 253 -24.03 -17.82 -2.87
CA ASN A 253 -25.49 -17.66 -2.93
C ASN A 253 -25.96 -17.71 -4.38
N ILE A 254 -25.28 -16.99 -5.24
CA ILE A 254 -25.63 -16.96 -6.66
C ILE A 254 -25.55 -18.35 -7.28
N ALA A 255 -24.49 -19.08 -6.97
CA ALA A 255 -24.24 -20.38 -7.49
C ALA A 255 -25.36 -21.32 -7.08
N ARG A 256 -25.84 -21.17 -5.84
CA ARG A 256 -26.85 -22.09 -5.36
C ARG A 256 -28.25 -21.76 -5.88
N GLN A 257 -28.55 -20.47 -6.00
CA GLN A 257 -29.83 -20.05 -6.56
C GLN A 257 -29.89 -20.08 -8.08
N ARG A 258 -28.75 -19.99 -8.74
CA ARG A 258 -28.64 -19.91 -10.19
C ARG A 258 -27.45 -20.73 -10.64
N PRO A 259 -27.62 -22.05 -10.70
CA PRO A 259 -26.48 -22.90 -10.96
C PRO A 259 -25.92 -22.83 -12.37
N MET A 260 -26.58 -22.14 -13.31
CA MET A 260 -25.86 -21.92 -14.57
C MET A 260 -24.63 -21.01 -14.45
N PHE A 261 -24.47 -20.32 -13.31
CA PHE A 261 -23.28 -19.49 -13.07
C PHE A 261 -22.26 -20.20 -12.16
N MET A 262 -22.52 -21.44 -11.81
CA MET A 262 -21.65 -22.16 -10.86
C MET A 262 -20.22 -22.26 -11.40
N SER A 263 -20.17 -22.41 -12.70
CA SER A 263 -18.98 -22.38 -13.49
C SER A 263 -18.13 -21.13 -13.22
N GLU A 264 -18.75 -19.96 -13.40
CA GLU A 264 -18.12 -18.68 -13.12
C GLU A 264 -17.63 -18.58 -11.65
N VAL A 265 -18.39 -19.16 -10.74
CA VAL A 265 -18.08 -19.07 -9.31
C VAL A 265 -16.85 -19.93 -8.97
N ILE A 266 -16.87 -21.18 -9.39
CA ILE A 266 -15.72 -22.03 -9.21
C ILE A 266 -14.48 -21.40 -9.87
N GLN A 267 -14.58 -20.89 -11.08
CA GLN A 267 -13.45 -20.17 -11.70
C GLN A 267 -12.93 -19.01 -10.82
N ALA A 268 -13.83 -18.22 -10.23
CA ALA A 268 -13.39 -17.11 -9.36
C ALA A 268 -12.68 -17.61 -8.12
N TYR A 269 -13.22 -18.69 -7.56
CA TYR A 269 -12.65 -19.27 -6.40
C TYR A 269 -11.26 -19.82 -6.68
N GLU A 270 -11.05 -20.49 -7.83
CA GLU A 270 -9.74 -21.00 -8.24
C GLU A 270 -8.75 -19.83 -8.44
N THR A 271 -9.19 -18.81 -9.18
CA THR A 271 -8.42 -17.58 -9.37
C THR A 271 -8.00 -16.90 -8.06
N LEU A 272 -8.95 -16.64 -7.16
CA LEU A 272 -8.58 -16.14 -5.87
C LEU A 272 -7.58 -17.09 -5.14
N HIS A 273 -7.85 -18.39 -5.11
CA HIS A 273 -6.99 -19.32 -4.40
C HIS A 273 -5.54 -19.30 -4.91
N ALA A 274 -5.36 -19.18 -6.23
CA ALA A 274 -4.01 -19.07 -6.83
C ALA A 274 -3.39 -17.63 -6.83
N ASN A 275 -4.14 -16.61 -6.45
CA ASN A 275 -3.67 -15.21 -6.54
C ASN A 275 -4.24 -14.45 -5.37
N LEU A 276 -3.81 -14.69 -4.14
CA LEU A 276 -4.45 -13.96 -3.04
C LEU A 276 -3.98 -12.50 -3.08
N PRO A 277 -4.89 -11.53 -2.89
CA PRO A 277 -4.61 -10.11 -3.07
C PRO A 277 -3.55 -9.72 -2.07
N PRO A 278 -2.45 -9.12 -2.56
CA PRO A 278 -1.24 -9.10 -1.76
C PRO A 278 -1.36 -8.14 -0.54
N THR A 279 -2.18 -7.09 -0.66
CA THR A 279 -2.43 -6.12 0.41
C THR A 279 -3.17 -6.63 1.68
N LEU A 280 -3.61 -7.89 1.70
CA LEU A 280 -4.33 -8.38 2.87
C LEU A 280 -3.31 -8.64 3.96
N ALA A 281 -3.49 -8.05 5.14
CA ALA A 281 -2.67 -8.39 6.33
C ALA A 281 -2.80 -9.89 6.74
N LYS A 282 -1.85 -10.38 7.52
CA LYS A 282 -1.81 -11.80 7.88
C LYS A 282 -3.13 -12.38 8.43
N SER A 283 -3.79 -11.67 9.34
CA SER A 283 -5.02 -12.18 9.90
C SER A 283 -6.20 -12.03 8.91
N GLN A 284 -6.07 -11.09 7.99
CA GLN A 284 -7.05 -10.89 6.94
C GLN A 284 -7.00 -12.03 5.95
N VAL A 285 -5.80 -12.41 5.52
CA VAL A 285 -5.59 -13.56 4.67
C VAL A 285 -6.21 -14.82 5.33
N SER A 286 -5.94 -15.04 6.62
CA SER A 286 -6.55 -16.18 7.32
C SER A 286 -8.09 -16.13 7.31
N SER A 287 -8.66 -14.96 7.60
CA SER A 287 -10.10 -14.79 7.65
C SER A 287 -10.74 -15.11 6.31
N VAL A 288 -10.15 -14.59 5.24
CA VAL A 288 -10.59 -14.84 3.88
C VAL A 288 -10.47 -16.34 3.53
N ARG A 289 -9.32 -16.94 3.85
CA ARG A 289 -9.06 -18.34 3.54
C ARG A 289 -10.10 -19.22 4.24
N LYS A 290 -10.43 -18.89 5.48
CA LYS A 290 -11.43 -19.63 6.22
C LYS A 290 -12.82 -19.52 5.53
N ASN A 291 -13.13 -18.35 5.01
CA ASN A 291 -14.38 -18.13 4.25
C ASN A 291 -14.36 -18.82 2.87
N LEU A 292 -13.21 -18.81 2.20
CA LEU A 292 -13.09 -19.57 0.96
C LEU A 292 -13.44 -21.06 1.20
N LYS A 293 -12.94 -21.62 2.28
CA LYS A 293 -13.19 -23.03 2.55
C LYS A 293 -14.64 -23.25 2.88
N LEU A 294 -15.18 -22.42 3.78
CA LEU A 294 -16.61 -22.47 4.09
C LEU A 294 -17.50 -22.45 2.81
N HIS A 295 -17.25 -21.51 1.92
CA HIS A 295 -18.06 -21.38 0.70
C HIS A 295 -17.87 -22.51 -0.28
N LEU A 296 -16.64 -23.03 -0.42
CA LEU A 296 -16.42 -24.20 -1.23
C LEU A 296 -17.22 -25.40 -0.71
N LEU A 297 -17.27 -25.57 0.61
CA LEU A 297 -17.98 -26.73 1.19
C LEU A 297 -19.45 -26.52 0.94
N SER A 298 -19.87 -25.28 1.04
CA SER A 298 -21.24 -24.93 0.80
C SER A 298 -21.67 -25.20 -0.70
N VAL A 299 -20.81 -24.89 -1.66
CA VAL A 299 -21.13 -25.22 -3.02
C VAL A 299 -21.12 -26.73 -3.31
N LEU A 300 -20.22 -27.44 -2.65
CA LEU A 300 -20.11 -28.89 -2.80
C LEU A 300 -21.43 -29.59 -2.41
N LYS A 301 -22.07 -29.12 -1.34
CA LYS A 301 -23.32 -29.73 -0.82
C LYS A 301 -24.44 -29.58 -1.86
N HIS A 302 -24.33 -28.55 -2.72
CA HIS A 302 -25.37 -28.29 -3.70
C HIS A 302 -25.36 -29.37 -4.81
N PRO A 303 -26.56 -29.91 -5.13
CA PRO A 303 -26.64 -31.03 -6.08
C PRO A 303 -26.03 -30.74 -7.46
N ALA A 304 -25.93 -29.48 -7.87
CA ALA A 304 -25.42 -29.19 -9.19
C ALA A 304 -23.88 -29.13 -9.24
N SER A 305 -23.23 -29.34 -8.09
CA SER A 305 -21.77 -29.20 -8.01
C SER A 305 -21.07 -30.45 -8.50
N LEU A 306 -21.88 -31.36 -9.05
CA LEU A 306 -21.49 -32.65 -9.65
C LEU A 306 -20.35 -32.53 -10.63
N GLU A 307 -20.47 -31.46 -11.37
CA GLU A 307 -19.71 -31.17 -12.56
C GLU A 307 -18.40 -30.50 -12.19
N PHE A 308 -18.26 -30.12 -10.91
CA PHE A 308 -17.10 -29.36 -10.47
C PHE A 308 -16.38 -29.99 -9.29
N GLN A 309 -16.78 -31.21 -8.98
CA GLN A 309 -16.46 -31.82 -7.71
C GLN A 309 -14.95 -32.09 -7.57
N ALA A 310 -14.31 -32.57 -8.64
CA ALA A 310 -12.86 -32.80 -8.61
C ALA A 310 -12.09 -31.48 -8.33
N GLN A 311 -12.44 -30.42 -9.06
CA GLN A 311 -11.81 -29.14 -8.79
C GLN A 311 -12.06 -28.63 -7.37
N ILE A 312 -13.30 -28.77 -6.88
CA ILE A 312 -13.63 -28.25 -5.54
C ILE A 312 -12.82 -29.00 -4.48
N THR A 313 -12.72 -30.32 -4.66
CA THR A 313 -12.04 -31.21 -3.75
C THR A 313 -10.55 -30.85 -3.70
N THR A 314 -9.97 -30.63 -4.87
CA THR A 314 -8.57 -30.21 -4.95
C THR A 314 -8.31 -28.92 -4.17
N LEU A 315 -9.16 -27.91 -4.37
CA LEU A 315 -9.02 -26.66 -3.60
C LEU A 315 -9.12 -26.86 -2.10
N LEU A 316 -10.14 -27.63 -1.69
CA LEU A 316 -10.35 -27.98 -0.29
C LEU A 316 -9.16 -28.72 0.32
N VAL A 317 -8.62 -29.73 -0.36
CA VAL A 317 -7.38 -30.40 0.10
C VAL A 317 -6.24 -29.37 0.21
N ASP A 318 -6.06 -28.50 -0.79
CA ASP A 318 -5.06 -27.43 -0.67
C ASP A 318 -5.19 -26.52 0.54
N LEU A 319 -6.44 -26.20 0.92
CA LEU A 319 -6.73 -25.40 2.11
C LEU A 319 -6.64 -26.19 3.40
N GLY A 320 -6.20 -27.44 3.30
CA GLY A 320 -6.00 -28.28 4.46
C GLY A 320 -7.21 -29.02 4.98
N THR A 321 -8.34 -28.95 4.28
CA THR A 321 -9.54 -29.68 4.70
C THR A 321 -9.26 -31.20 4.74
N PRO A 322 -9.45 -31.84 5.91
CA PRO A 322 -9.32 -33.31 5.97
C PRO A 322 -10.36 -34.00 5.09
N GLN A 323 -10.02 -35.18 4.59
CA GLN A 323 -10.87 -35.98 3.70
C GLN A 323 -12.23 -36.26 4.34
N ALA A 324 -12.19 -36.68 5.60
CA ALA A 324 -13.40 -36.92 6.37
C ALA A 324 -14.35 -35.71 6.40
N GLU A 325 -13.78 -34.49 6.40
CA GLU A 325 -14.67 -33.33 6.39
C GLU A 325 -15.30 -33.11 5.00
N ILE A 326 -14.54 -33.43 3.96
CA ILE A 326 -15.01 -33.28 2.58
C ILE A 326 -16.18 -34.25 2.35
N ALA A 327 -16.01 -35.51 2.73
CA ALA A 327 -17.06 -36.53 2.65
C ALA A 327 -18.38 -36.11 3.35
N ARG A 328 -18.24 -35.57 4.56
CA ARG A 328 -19.33 -35.07 5.39
C ARG A 328 -20.14 -34.01 4.65
N ASN A 329 -19.56 -33.43 3.60
CA ASN A 329 -20.26 -32.39 2.86
C ASN A 329 -20.61 -32.82 1.42
N MET A 330 -20.59 -34.12 1.14
CA MET A 330 -20.81 -34.55 -0.26
C MET A 330 -22.23 -34.66 -0.89
N PRO A 331 -23.08 -35.62 -0.46
CA PRO A 331 -24.37 -35.47 -1.16
C PRO A 331 -25.31 -34.96 -0.08
N LEU B 26 -23.83 1.08 20.60
CA LEU B 26 -23.13 -0.14 20.04
C LEU B 26 -23.67 -1.39 20.72
N ARG B 27 -24.27 -2.26 19.94
CA ARG B 27 -24.88 -3.49 20.45
C ARG B 27 -23.92 -4.63 20.20
N VAL B 28 -23.41 -5.18 21.30
CA VAL B 28 -22.38 -6.20 21.24
C VAL B 28 -22.84 -7.54 21.81
N ALA B 29 -22.40 -8.63 21.20
CA ALA B 29 -22.61 -9.95 21.75
C ALA B 29 -21.22 -10.51 21.96
N VAL B 30 -21.02 -11.14 23.11
CA VAL B 30 -19.74 -11.76 23.42
C VAL B 30 -20.01 -13.23 23.61
N VAL B 31 -19.21 -14.04 22.92
CA VAL B 31 -19.49 -15.47 22.79
C VAL B 31 -18.32 -16.35 23.19
N SER B 32 -18.56 -17.31 24.09
CA SER B 32 -17.53 -18.30 24.45
C SER B 32 -18.09 -19.69 24.19
N SER B 33 -17.49 -20.71 24.78
CA SER B 33 -17.95 -22.08 24.59
C SER B 33 -19.08 -22.47 25.56
N SER B 34 -18.86 -22.29 26.86
CA SER B 34 -19.87 -22.65 27.86
C SER B 34 -20.75 -21.51 28.39
N ASN B 35 -20.49 -20.26 27.98
CA ASN B 35 -21.16 -19.07 28.53
C ASN B 35 -21.00 -19.07 30.07
N GLN B 36 -19.79 -19.35 30.53
CA GLN B 36 -19.56 -19.38 31.97
C GLN B 36 -18.58 -18.31 32.51
N ASN B 37 -17.51 -18.09 31.74
CA ASN B 37 -16.29 -17.46 32.20
C ASN B 37 -15.88 -16.33 31.25
N ARG B 38 -15.25 -16.67 30.10
CA ARG B 38 -14.75 -15.63 29.22
C ARG B 38 -15.83 -14.66 28.76
N SER B 39 -16.98 -15.17 28.34
CA SER B 39 -18.05 -14.30 27.89
C SER B 39 -18.79 -13.59 29.04
N MET B 40 -18.83 -14.21 30.22
CA MET B 40 -19.55 -13.60 31.36
C MET B 40 -18.70 -12.52 32.04
N GLU B 41 -17.41 -12.74 32.12
CA GLU B 41 -16.48 -11.69 32.54
C GLU B 41 -16.62 -10.46 31.61
N ALA B 42 -16.60 -10.67 30.28
CA ALA B 42 -16.83 -9.58 29.33
C ALA B 42 -18.21 -8.96 29.47
N HIS B 43 -19.27 -9.79 29.52
CA HIS B 43 -20.65 -9.31 29.74
C HIS B 43 -20.67 -8.33 30.89
N ASN B 44 -20.01 -8.70 31.99
CA ASN B 44 -20.03 -7.91 33.23
C ASN B 44 -19.31 -6.56 33.10
N ILE B 45 -18.10 -6.56 32.55
CA ILE B 45 -17.37 -5.31 32.38
C ILE B 45 -18.12 -4.38 31.40
N LEU B 46 -18.53 -4.90 30.27
CA LEU B 46 -19.17 -4.08 29.24
C LEU B 46 -20.47 -3.46 29.73
N SER B 47 -21.21 -4.27 30.47
CA SER B 47 -22.50 -3.91 30.98
C SER B 47 -22.36 -2.74 31.94
N LYS B 48 -21.47 -2.90 32.92
CA LYS B 48 -21.15 -1.86 33.90
C LYS B 48 -20.62 -0.60 33.26
N ARG B 49 -19.98 -0.73 32.11
CA ARG B 49 -19.45 0.43 31.39
C ARG B 49 -20.45 1.00 30.37
N GLY B 50 -21.72 0.60 30.52
CA GLY B 50 -22.83 1.22 29.78
C GLY B 50 -23.06 0.75 28.34
N PHE B 51 -22.39 -0.32 27.93
CA PHE B 51 -22.65 -0.97 26.63
C PHE B 51 -23.92 -1.82 26.68
N SER B 52 -24.57 -1.91 25.53
CA SER B 52 -25.64 -2.85 25.33
C SER B 52 -25.04 -4.20 24.94
N VAL B 53 -25.18 -5.19 25.79
CA VAL B 53 -24.41 -6.43 25.62
C VAL B 53 -25.21 -7.70 25.96
N ARG B 54 -25.02 -8.75 25.18
CA ARG B 54 -25.57 -10.07 25.47
C ARG B 54 -24.42 -11.05 25.39
N SER B 55 -24.56 -12.21 26.03
CA SER B 55 -23.53 -13.22 25.97
C SER B 55 -24.10 -14.59 25.70
N PHE B 56 -23.30 -15.45 25.05
CA PHE B 56 -23.70 -16.76 24.60
C PHE B 56 -22.54 -17.72 24.66
N GLY B 57 -22.89 -19.01 24.59
CA GLY B 57 -21.92 -20.03 24.27
C GLY B 57 -22.35 -20.78 23.05
N THR B 58 -21.39 -21.31 22.29
CA THR B 58 -21.65 -22.14 21.11
C THR B 58 -21.40 -23.62 21.37
N GLY B 59 -20.84 -23.97 22.52
CA GLY B 59 -20.58 -25.37 22.85
C GLY B 59 -21.81 -26.27 22.84
N THR B 60 -21.58 -27.58 22.77
CA THR B 60 -22.64 -28.55 22.78
C THR B 60 -23.25 -28.69 24.17
N HIS B 61 -22.45 -28.45 25.21
CA HIS B 61 -22.87 -28.63 26.60
C HIS B 61 -22.05 -27.64 27.42
N VAL B 62 -22.26 -27.60 28.73
CA VAL B 62 -21.51 -26.69 29.58
C VAL B 62 -20.41 -27.47 30.28
N LYS B 63 -19.21 -26.92 30.30
CA LYS B 63 -18.07 -27.55 30.93
C LYS B 63 -17.56 -26.62 32.04
N LEU B 64 -17.33 -27.18 33.21
CA LEU B 64 -16.77 -26.46 34.33
C LEU B 64 -15.61 -27.29 34.84
N PRO B 65 -14.56 -26.64 35.37
CA PRO B 65 -13.40 -27.35 35.91
C PRO B 65 -13.81 -28.37 36.97
N GLY B 66 -13.09 -29.49 37.04
CA GLY B 66 -13.29 -30.48 38.09
C GLY B 66 -11.99 -30.74 38.83
N PRO B 67 -11.91 -31.84 39.61
CA PRO B 67 -10.78 -32.13 40.52
C PRO B 67 -9.47 -32.49 39.82
N ALA B 68 -9.54 -32.70 38.51
CA ALA B 68 -8.35 -32.92 37.69
C ALA B 68 -8.67 -32.38 36.29
N PRO B 69 -7.65 -31.87 35.58
CA PRO B 69 -7.87 -31.24 34.24
C PRO B 69 -8.62 -32.15 33.26
N ASP B 70 -8.52 -33.45 33.45
CA ASP B 70 -9.19 -34.44 32.59
C ASP B 70 -10.56 -34.91 33.11
N LYS B 71 -11.00 -34.39 34.26
CA LYS B 71 -12.34 -34.70 34.78
C LYS B 71 -13.22 -33.47 35.02
N PRO B 72 -13.60 -32.80 33.96
CA PRO B 72 -14.46 -31.61 34.10
C PRO B 72 -15.89 -32.01 34.53
N ASN B 73 -16.64 -31.04 35.01
CA ASN B 73 -18.07 -31.25 35.26
C ASN B 73 -18.85 -30.83 34.06
N VAL B 74 -19.90 -31.59 33.78
CA VAL B 74 -20.58 -31.43 32.53
C VAL B 74 -22.06 -31.19 32.81
N TYR B 75 -22.63 -30.21 32.13
CA TYR B 75 -24.03 -29.87 32.29
C TYR B 75 -24.68 -29.56 30.95
N ASP B 76 -26.00 -29.65 30.96
CA ASP B 76 -26.86 -29.27 29.86
C ASP B 76 -26.97 -27.75 29.95
N PHE B 77 -27.17 -27.11 28.79
CA PHE B 77 -27.39 -25.66 28.68
C PHE B 77 -28.69 -25.16 29.32
N LYS B 78 -29.60 -26.10 29.60
CA LYS B 78 -30.87 -25.82 30.26
C LYS B 78 -30.68 -25.57 31.75
N THR B 79 -29.60 -26.10 32.32
CA THR B 79 -29.30 -26.04 33.73
C THR B 79 -28.99 -24.63 34.20
N THR B 80 -29.49 -24.26 35.36
CA THR B 80 -29.34 -22.88 35.84
C THR B 80 -27.97 -22.66 36.55
N TYR B 81 -27.50 -21.43 36.61
CA TYR B 81 -26.27 -21.17 37.36
C TYR B 81 -26.48 -21.61 38.81
N ASP B 82 -27.65 -21.30 39.36
CA ASP B 82 -28.01 -21.65 40.74
C ASP B 82 -28.03 -23.17 40.96
N GLN B 83 -28.48 -23.93 39.97
CA GLN B 83 -28.51 -25.41 40.08
C GLN B 83 -27.08 -25.96 40.02
N MET B 84 -26.23 -25.37 39.17
CA MET B 84 -24.81 -25.75 39.13
C MET B 84 -24.12 -25.43 40.44
N TYR B 85 -24.44 -24.25 40.99
CA TYR B 85 -23.88 -23.79 42.25
C TYR B 85 -24.16 -24.84 43.30
N ASN B 86 -25.44 -25.21 43.41
CA ASN B 86 -25.88 -26.15 44.41
C ASN B 86 -25.31 -27.53 44.21
N ASP B 87 -25.25 -27.97 42.96
CA ASP B 87 -24.68 -29.28 42.66
C ASP B 87 -23.20 -29.34 43.09
N LEU B 88 -22.47 -28.26 42.83
CA LEU B 88 -21.04 -28.21 43.17
C LEU B 88 -20.81 -28.01 44.67
N LEU B 89 -21.74 -27.30 45.30
CA LEU B 89 -21.69 -27.07 46.74
C LEU B 89 -21.76 -28.42 47.47
N ARG B 90 -22.64 -29.31 47.01
CA ARG B 90 -22.81 -30.61 47.66
C ARG B 90 -21.77 -31.67 47.23
N LYS B 91 -21.03 -31.41 46.17
CA LYS B 91 -20.00 -32.33 45.69
C LYS B 91 -18.69 -32.19 46.45
N ASP B 92 -18.19 -30.95 46.53
CA ASP B 92 -16.91 -30.65 47.16
C ASP B 92 -16.87 -29.14 47.37
N LYS B 93 -17.52 -28.72 48.45
CA LYS B 93 -17.61 -27.32 48.89
C LYS B 93 -16.25 -26.63 48.91
N GLU B 94 -15.23 -27.31 49.42
CA GLU B 94 -13.92 -26.72 49.60
C GLU B 94 -13.19 -26.56 48.27
N LEU B 95 -13.27 -27.58 47.42
CA LEU B 95 -12.60 -27.51 46.13
C LEU B 95 -13.16 -26.35 45.29
N TYR B 96 -14.49 -26.26 45.20
CA TYR B 96 -15.12 -25.31 44.30
C TYR B 96 -15.18 -23.91 44.91
N THR B 97 -14.91 -23.80 46.21
CA THR B 97 -14.56 -22.50 46.79
C THR B 97 -13.15 -22.08 46.35
N GLN B 98 -12.17 -22.94 46.55
CA GLN B 98 -10.77 -22.55 46.33
C GLN B 98 -10.44 -22.25 44.87
N ASN B 99 -11.14 -22.92 43.94
CA ASN B 99 -10.91 -22.70 42.50
C ASN B 99 -11.77 -21.60 41.85
N GLY B 100 -12.39 -20.75 42.68
CA GLY B 100 -13.18 -19.59 42.25
C GLY B 100 -14.50 -19.91 41.55
N ILE B 101 -14.84 -21.20 41.40
CA ILE B 101 -16.03 -21.55 40.63
C ILE B 101 -17.38 -21.18 41.26
N LEU B 102 -17.51 -21.35 42.57
CA LEU B 102 -18.75 -20.97 43.26
C LEU B 102 -18.99 -19.45 43.14
N HIS B 103 -17.93 -18.67 43.30
CA HIS B 103 -17.99 -17.22 43.17
C HIS B 103 -18.31 -16.82 41.71
N MET B 104 -17.71 -17.50 40.74
CA MET B 104 -18.03 -17.29 39.34
C MET B 104 -19.54 -17.55 39.09
N LEU B 105 -20.06 -18.64 39.65
CA LEU B 105 -21.43 -19.00 39.36
C LEU B 105 -22.37 -18.01 40.02
N ASP B 106 -22.02 -17.58 41.24
CA ASP B 106 -22.76 -16.51 41.91
C ASP B 106 -22.74 -15.24 41.07
N ARG B 107 -21.56 -14.83 40.64
CA ARG B 107 -21.43 -13.66 39.74
C ARG B 107 -22.38 -13.80 38.50
N ASN B 108 -22.35 -14.97 37.89
CA ASN B 108 -23.19 -15.24 36.73
C ASN B 108 -24.69 -15.19 37.05
N LYS B 109 -25.08 -15.80 38.16
CA LYS B 109 -26.48 -15.72 38.61
C LYS B 109 -26.92 -14.23 38.73
N ARG B 110 -26.00 -13.37 39.15
CA ARG B 110 -26.34 -11.96 39.31
C ARG B 110 -26.57 -11.24 38.00
N ILE B 111 -26.05 -11.76 36.90
CA ILE B 111 -26.29 -11.18 35.58
C ILE B 111 -27.54 -11.77 34.92
N LYS B 112 -27.65 -13.10 34.92
CA LYS B 112 -28.81 -13.76 34.29
C LYS B 112 -28.97 -15.19 34.84
N PRO B 113 -30.17 -15.78 34.67
CA PRO B 113 -30.39 -17.06 35.37
C PRO B 113 -29.64 -18.28 34.78
N ARG B 114 -29.38 -18.29 33.47
CA ARG B 114 -28.72 -19.45 32.85
C ARG B 114 -27.91 -19.10 31.62
N PRO B 115 -26.94 -19.98 31.27
CA PRO B 115 -26.18 -19.86 30.05
C PRO B 115 -27.10 -19.91 28.85
N GLU B 116 -26.75 -19.20 27.79
CA GLU B 116 -27.56 -19.12 26.61
C GLU B 116 -26.74 -19.60 25.43
N ARG B 117 -27.39 -20.40 24.61
CA ARG B 117 -26.75 -20.99 23.48
C ARG B 117 -26.98 -20.06 22.30
N PHE B 118 -25.89 -19.69 21.63
CA PHE B 118 -25.90 -18.79 20.51
C PHE B 118 -26.82 -19.30 19.41
N GLN B 119 -26.78 -20.61 19.14
CA GLN B 119 -27.52 -21.16 18.02
C GLN B 119 -29.05 -21.04 18.22
N ASN B 120 -29.50 -20.86 19.48
CA ASN B 120 -30.94 -20.68 19.79
C ASN B 120 -31.40 -19.24 19.92
N CYS B 121 -30.54 -18.25 19.71
CA CYS B 121 -31.07 -16.88 19.76
C CYS B 121 -31.23 -16.23 18.41
N LYS B 122 -32.09 -15.21 18.38
CA LYS B 122 -32.44 -14.53 17.16
C LYS B 122 -32.32 -13.00 17.33
N ASP B 123 -31.24 -12.52 17.93
CA ASP B 123 -31.14 -11.11 18.22
C ASP B 123 -30.22 -10.43 17.22
N LEU B 124 -30.31 -9.10 17.13
CA LEU B 124 -29.47 -8.34 16.19
C LEU B 124 -28.33 -7.60 16.92
N PHE B 125 -27.11 -7.74 16.42
CA PHE B 125 -25.95 -7.01 16.95
C PHE B 125 -25.22 -6.18 15.89
N ASP B 126 -24.52 -5.14 16.30
CA ASP B 126 -23.50 -4.51 15.43
C ASP B 126 -22.22 -5.33 15.37
N LEU B 127 -21.88 -5.97 16.47
CA LEU B 127 -20.57 -6.59 16.62
C LEU B 127 -20.71 -7.81 17.49
N ILE B 128 -20.12 -8.91 17.03
CA ILE B 128 -20.09 -10.13 17.77
C ILE B 128 -18.66 -10.50 18.03
N LEU B 129 -18.30 -10.58 19.31
CA LEU B 129 -16.92 -10.96 19.66
C LEU B 129 -16.85 -12.35 20.19
N THR B 130 -15.95 -13.15 19.63
CA THR B 130 -15.77 -14.53 20.08
C THR B 130 -14.42 -14.68 20.78
N CYS B 131 -14.34 -15.65 21.70
CA CYS B 131 -13.23 -15.79 22.62
C CYS B 131 -12.26 -16.89 22.28
N GLU B 132 -12.52 -17.63 21.18
CA GLU B 132 -11.53 -18.53 20.59
C GLU B 132 -11.95 -18.96 19.17
N GLU B 133 -10.99 -19.40 18.37
CA GLU B 133 -11.26 -19.64 16.94
C GLU B 133 -12.37 -20.67 16.69
N ARG B 134 -12.36 -21.73 17.47
CA ARG B 134 -13.41 -22.73 17.40
C ARG B 134 -14.82 -22.15 17.61
N VAL B 135 -14.96 -21.19 18.54
CA VAL B 135 -16.24 -20.54 18.79
C VAL B 135 -16.59 -19.60 17.60
N TYR B 136 -15.59 -18.90 17.10
CA TYR B 136 -15.75 -18.05 15.91
C TYR B 136 -16.23 -18.92 14.75
N ASP B 137 -15.62 -20.09 14.53
CA ASP B 137 -16.14 -21.00 13.46
C ASP B 137 -17.58 -21.42 13.71
N GLN B 138 -17.94 -21.69 14.97
CA GLN B 138 -19.32 -22.10 15.24
C GLN B 138 -20.30 -20.92 15.01
N VAL B 139 -19.91 -19.70 15.35
CA VAL B 139 -20.76 -18.54 15.12
C VAL B 139 -20.97 -18.31 13.62
N VAL B 140 -19.88 -18.39 12.86
CA VAL B 140 -19.88 -18.16 11.40
C VAL B 140 -20.68 -19.24 10.65
N GLU B 141 -20.47 -20.49 11.06
CA GLU B 141 -21.17 -21.58 10.44
C GLU B 141 -22.67 -21.41 10.65
N ASP B 142 -23.06 -21.10 11.87
CA ASP B 142 -24.45 -20.93 12.21
C ASP B 142 -25.08 -19.73 11.46
N LEU B 143 -24.50 -18.53 11.55
CA LEU B 143 -25.09 -17.36 10.88
C LEU B 143 -25.09 -17.56 9.38
N ASN B 144 -24.06 -18.20 8.83
CA ASN B 144 -24.00 -18.41 7.36
C ASN B 144 -25.10 -19.39 6.93
N SER B 145 -25.56 -20.23 7.85
CA SER B 145 -26.66 -21.13 7.50
C SER B 145 -28.09 -20.55 7.73
N ARG B 146 -28.24 -19.35 8.31
CA ARG B 146 -29.60 -18.73 8.39
C ARG B 146 -29.92 -17.94 7.12
N GLU B 147 -31.12 -18.04 6.61
CA GLU B 147 -31.43 -17.32 5.38
C GLU B 147 -31.44 -15.80 5.63
N GLN B 148 -30.72 -15.06 4.80
CA GLN B 148 -30.58 -13.62 4.96
C GLN B 148 -31.93 -12.97 4.57
N GLU B 149 -32.44 -12.03 5.35
CA GLU B 149 -33.73 -11.39 4.99
C GLU B 149 -33.53 -9.93 4.62
N THR B 150 -32.48 -9.38 5.16
CA THR B 150 -32.31 -7.96 5.16
C THR B 150 -30.97 -7.62 4.44
N CYS B 151 -30.03 -8.55 4.46
CA CYS B 151 -28.64 -8.32 4.02
C CYS B 151 -27.88 -7.23 4.79
N GLN B 152 -28.36 -6.90 5.97
CA GLN B 152 -27.62 -6.09 6.93
C GLN B 152 -26.43 -6.89 7.51
N PRO B 153 -25.21 -6.36 7.37
CA PRO B 153 -24.03 -7.05 7.88
C PRO B 153 -23.90 -6.96 9.40
N VAL B 154 -23.33 -8.00 10.01
CA VAL B 154 -22.88 -7.92 11.41
C VAL B 154 -21.42 -8.36 11.39
N HIS B 155 -20.56 -7.58 12.06
CA HIS B 155 -19.13 -7.85 12.12
C HIS B 155 -18.82 -8.84 13.22
N VAL B 156 -18.03 -9.87 12.88
CA VAL B 156 -17.70 -10.92 13.83
C VAL B 156 -16.19 -10.86 13.97
N VAL B 157 -15.72 -10.76 15.21
CA VAL B 157 -14.30 -10.59 15.44
C VAL B 157 -13.90 -11.60 16.50
N ASN B 158 -12.81 -12.33 16.26
CA ASN B 158 -12.26 -13.25 17.26
C ASN B 158 -11.04 -12.72 17.99
N VAL B 159 -10.94 -12.99 19.30
CA VAL B 159 -9.65 -12.95 19.99
C VAL B 159 -9.49 -14.23 20.80
N ASP B 160 -8.35 -14.90 20.69
CA ASP B 160 -8.10 -16.09 21.50
C ASP B 160 -7.84 -15.74 22.98
N ILE B 161 -8.76 -16.21 23.83
CA ILE B 161 -8.60 -16.01 25.24
C ILE B 161 -8.64 -17.44 25.85
N GLN B 162 -7.65 -17.76 26.67
CA GLN B 162 -7.62 -19.03 27.37
C GLN B 162 -8.69 -19.08 28.43
N ASP B 163 -9.24 -20.27 28.64
CA ASP B 163 -10.32 -20.47 29.58
C ASP B 163 -9.83 -20.70 31.02
N ASN B 164 -9.45 -19.59 31.66
CA ASN B 164 -9.23 -19.53 33.11
C ASN B 164 -9.56 -18.10 33.59
N HIS B 165 -9.52 -17.89 34.91
CA HIS B 165 -10.09 -16.66 35.45
C HIS B 165 -9.27 -15.44 35.09
N GLU B 166 -7.97 -15.57 35.14
CA GLU B 166 -7.09 -14.43 34.95
C GLU B 166 -7.14 -13.98 33.50
N GLU B 167 -7.07 -14.94 32.56
CA GLU B 167 -7.18 -14.69 31.12
C GLU B 167 -8.56 -14.15 30.74
N ALA B 168 -9.59 -14.72 31.37
CA ALA B 168 -10.91 -14.23 31.09
C ALA B 168 -10.97 -12.75 31.46
N THR B 169 -10.45 -12.38 32.65
CA THR B 169 -10.40 -10.98 33.08
C THR B 169 -9.56 -10.06 32.15
N LEU B 170 -8.36 -10.49 31.76
CA LEU B 170 -7.53 -9.68 30.86
C LEU B 170 -8.17 -9.53 29.50
N GLY B 171 -8.77 -10.62 29.03
CA GLY B 171 -9.47 -10.63 27.76
C GLY B 171 -10.71 -9.75 27.77
N ALA B 172 -11.47 -9.80 28.86
CA ALA B 172 -12.60 -8.88 29.03
C ALA B 172 -12.22 -7.38 28.97
N PHE B 173 -11.09 -7.01 29.55
CA PHE B 173 -10.61 -5.62 29.46
C PHE B 173 -10.14 -5.23 28.06
N LEU B 174 -9.50 -6.18 27.36
CA LEU B 174 -9.07 -5.95 26.00
C LEU B 174 -10.28 -5.72 25.12
N ILE B 175 -11.30 -6.56 25.28
CA ILE B 175 -12.55 -6.48 24.53
C ILE B 175 -13.25 -5.16 24.83
N CYS B 176 -13.24 -4.75 26.10
CA CYS B 176 -13.82 -3.49 26.51
C CYS B 176 -13.08 -2.33 25.85
N GLU B 177 -11.75 -2.43 25.78
CA GLU B 177 -10.96 -1.37 25.13
C GLU B 177 -11.30 -1.28 23.63
N LEU B 178 -11.39 -2.43 22.97
CA LEU B 178 -11.78 -2.46 21.55
C LEU B 178 -13.17 -1.86 21.35
N CYS B 179 -14.12 -2.31 22.14
CA CYS B 179 -15.46 -1.72 22.05
C CYS B 179 -15.46 -0.20 22.23
N GLN B 180 -14.65 0.26 23.15
CA GLN B 180 -14.59 1.69 23.37
C GLN B 180 -14.03 2.42 22.16
N CYS B 181 -13.01 1.85 21.54
CA CYS B 181 -12.47 2.40 20.31
C CYS B 181 -13.51 2.53 19.24
N ILE B 182 -14.26 1.45 19.06
CA ILE B 182 -15.33 1.39 18.09
C ILE B 182 -16.42 2.43 18.42
N GLN B 183 -16.83 2.54 19.69
CA GLN B 183 -17.77 3.60 20.08
C GLN B 183 -17.32 4.92 19.52
N HIS B 184 -16.01 5.13 19.50
CA HIS B 184 -15.43 6.43 19.24
C HIS B 184 -15.17 6.76 17.77
N THR B 185 -15.20 5.76 16.89
CA THR B 185 -14.99 6.06 15.46
C THR B 185 -16.24 6.60 14.82
N GLU B 186 -16.02 7.59 13.97
CA GLU B 186 -17.04 8.11 13.05
C GLU B 186 -17.78 6.96 12.32
N ASP B 187 -17.05 6.03 11.73
CA ASP B 187 -17.60 5.10 10.72
C ASP B 187 -17.07 3.73 10.99
N MET B 188 -17.80 2.97 11.78
CA MET B 188 -17.33 1.69 12.23
C MET B 188 -16.80 0.76 11.10
N GLU B 189 -17.64 0.53 10.11
CA GLU B 189 -17.32 -0.37 9.02
C GLU B 189 -16.06 0.06 8.24
N ASN B 190 -15.87 1.36 8.04
CA ASN B 190 -14.74 1.83 7.28
C ASN B 190 -13.40 1.79 8.06
N GLU B 191 -13.46 1.82 9.41
CA GLU B 191 -12.24 2.02 10.21
C GLU B 191 -11.89 0.77 11.06
N ILE B 192 -12.81 -0.20 11.13
CA ILE B 192 -12.64 -1.29 12.02
C ILE B 192 -11.42 -2.16 11.72
N ASP B 193 -11.14 -2.42 10.44
CA ASP B 193 -9.92 -3.19 10.13
C ASP B 193 -8.61 -2.50 10.55
N GLU B 194 -8.50 -1.22 10.26
CA GLU B 194 -7.36 -0.45 10.71
C GLU B 194 -7.24 -0.51 12.25
N LEU B 195 -8.37 -0.38 12.94
CA LEU B 195 -8.37 -0.49 14.39
C LEU B 195 -7.91 -1.86 14.86
N LEU B 196 -8.40 -2.90 14.24
CA LEU B 196 -7.98 -4.24 14.65
C LEU B 196 -6.49 -4.43 14.45
N GLN B 197 -5.95 -3.91 13.36
CA GLN B 197 -4.53 -4.04 13.09
C GLN B 197 -3.68 -3.35 14.16
N GLU B 198 -4.15 -2.18 14.62
CA GLU B 198 -3.50 -1.47 15.74
C GLU B 198 -3.54 -2.31 17.01
N PHE B 199 -4.68 -2.94 17.27
CA PHE B 199 -4.81 -3.85 18.39
C PHE B 199 -3.90 -5.06 18.33
N GLU B 200 -3.77 -5.67 17.14
CA GLU B 200 -2.84 -6.78 16.94
C GLU B 200 -1.46 -6.32 17.32
N GLU B 201 -1.07 -5.18 16.78
CA GLU B 201 0.23 -4.62 17.04
C GLU B 201 0.48 -4.28 18.54
N LYS B 202 -0.50 -3.69 19.21
CA LYS B 202 -0.31 -3.30 20.61
C LYS B 202 -0.42 -4.51 21.56
N SER B 203 -1.22 -5.50 21.20
CA SER B 203 -1.43 -6.67 22.05
C SER B 203 -0.59 -7.88 21.70
N GLY B 204 -0.12 -7.99 20.46
CA GLY B 204 0.55 -9.21 20.03
C GLY B 204 -0.43 -10.40 19.82
N ARG B 205 -1.72 -10.13 19.92
CA ARG B 205 -2.76 -11.15 19.74
C ARG B 205 -3.43 -10.96 18.37
N THR B 206 -3.72 -12.06 17.65
CA THR B 206 -4.37 -11.93 16.34
C THR B 206 -5.89 -11.74 16.43
N PHE B 207 -6.44 -10.96 15.53
CA PHE B 207 -7.90 -10.67 15.54
C PHE B 207 -8.51 -11.04 14.20
N LEU B 208 -9.01 -12.26 14.06
CA LEU B 208 -9.78 -12.63 12.87
C LEU B 208 -11.01 -11.76 12.76
N HIS B 209 -11.42 -11.50 11.53
CA HIS B 209 -12.52 -10.56 11.28
C HIS B 209 -13.27 -10.94 9.99
N THR B 210 -14.59 -11.04 10.10
CA THR B 210 -15.44 -11.40 8.98
C THR B 210 -16.79 -10.70 9.16
N VAL B 211 -17.68 -10.79 8.16
CA VAL B 211 -19.05 -10.32 8.28
C VAL B 211 -19.97 -11.47 7.97
N CYS B 212 -21.13 -11.50 8.65
CA CYS B 212 -22.27 -12.33 8.28
C CYS B 212 -23.46 -11.38 8.04
N PHE B 213 -24.57 -11.92 7.54
CA PHE B 213 -25.68 -11.11 7.07
C PHE B 213 -26.98 -11.59 7.62
N TYR B 214 -27.73 -10.62 8.12
CA TYR B 214 -29.09 -10.87 8.56
C TYR B 214 -30.02 -10.84 7.39
N MET C 21 66.20 8.50 -17.05
CA MET C 21 65.39 9.26 -16.02
C MET C 21 64.59 8.37 -15.03
N THR C 22 65.01 8.37 -13.75
CA THR C 22 64.34 7.57 -12.68
C THR C 22 62.94 8.08 -12.36
N THR C 23 62.09 7.20 -11.82
CA THR C 23 60.75 7.59 -11.38
C THR C 23 60.87 8.75 -10.41
N SER C 24 61.90 8.71 -9.56
CA SER C 24 62.15 9.77 -8.60
C SER C 24 62.39 11.10 -9.30
N GLU C 25 63.15 11.06 -10.39
CA GLU C 25 63.45 12.26 -11.17
C GLU C 25 62.26 12.78 -11.96
N ARG C 26 61.46 11.83 -12.45
CA ARG C 26 60.26 12.12 -13.23
C ARG C 26 59.22 12.84 -12.34
N VAL C 27 59.19 12.46 -11.06
CA VAL C 27 58.31 13.09 -10.07
C VAL C 27 58.77 14.51 -9.73
N VAL C 28 60.09 14.71 -9.50
CA VAL C 28 60.63 16.03 -9.14
C VAL C 28 60.29 17.05 -10.20
N ASP C 29 60.40 16.64 -11.47
CA ASP C 29 60.17 17.53 -12.60
C ASP C 29 58.70 17.88 -12.69
N LEU C 30 57.85 16.88 -12.51
CA LEU C 30 56.40 17.12 -12.53
C LEU C 30 55.98 18.07 -11.42
N LEU C 31 56.51 17.88 -10.22
CA LEU C 31 56.24 18.78 -9.11
C LEU C 31 56.72 20.21 -9.33
N ASN C 32 57.84 20.35 -10.03
CA ASN C 32 58.31 21.66 -10.47
C ASN C 32 57.38 22.30 -11.50
N GLN C 33 56.86 21.49 -12.42
CA GLN C 33 55.88 21.98 -13.38
C GLN C 33 54.65 22.46 -12.61
N ALA C 34 54.16 21.62 -11.70
CA ALA C 34 53.00 21.94 -10.84
C ALA C 34 53.16 23.25 -10.08
N ALA C 35 54.29 23.41 -9.39
CA ALA C 35 54.62 24.64 -8.65
C ALA C 35 54.55 25.94 -9.50
N LEU C 36 54.82 25.82 -10.81
CA LEU C 36 54.89 26.97 -11.71
C LEU C 36 53.63 27.24 -12.55
N ILE C 37 52.57 26.45 -12.35
CA ILE C 37 51.30 26.61 -13.10
C ILE C 37 50.27 27.35 -12.24
N THR C 38 49.46 28.19 -12.87
CA THR C 38 48.61 29.14 -12.17
C THR C 38 47.12 28.87 -12.38
N ASN C 39 46.78 27.66 -12.80
CA ASN C 39 45.40 27.25 -13.04
C ASN C 39 45.20 25.75 -12.78
N ASP C 40 43.99 25.28 -13.02
CA ASP C 40 43.62 23.89 -12.72
C ASP C 40 44.27 22.83 -13.61
N SER C 41 44.97 23.22 -14.67
CA SER C 41 45.70 22.22 -15.43
C SER C 41 46.81 21.55 -14.59
N LYS C 42 47.26 22.18 -13.50
CA LYS C 42 48.24 21.55 -12.58
C LYS C 42 47.77 20.18 -12.05
N ILE C 43 46.46 19.99 -11.99
CA ILE C 43 45.87 18.73 -11.50
C ILE C 43 46.25 17.52 -12.37
N THR C 44 46.25 17.69 -13.69
CA THR C 44 46.71 16.67 -14.61
C THR C 44 48.16 16.22 -14.27
N VAL C 45 49.04 17.20 -14.09
CA VAL C 45 50.41 16.99 -13.66
C VAL C 45 50.51 16.26 -12.29
N LEU C 46 49.73 16.72 -11.32
CA LEU C 46 49.73 16.13 -9.99
C LEU C 46 49.17 14.71 -9.99
N LYS C 47 48.14 14.44 -10.80
CA LYS C 47 47.61 13.07 -10.92
C LYS C 47 48.68 12.10 -11.43
N GLN C 48 49.50 12.55 -12.38
CA GLN C 48 50.58 11.73 -12.89
C GLN C 48 51.53 11.40 -11.74
N VAL C 49 51.79 12.39 -10.88
CA VAL C 49 52.68 12.21 -9.74
C VAL C 49 52.07 11.18 -8.79
N GLN C 50 50.75 11.25 -8.62
CA GLN C 50 50.00 10.30 -7.79
C GLN C 50 50.18 8.87 -8.30
N GLU C 51 49.97 8.66 -9.59
CA GLU C 51 50.19 7.37 -10.24
C GLU C 51 51.59 6.84 -9.97
N LEU C 52 52.57 7.70 -10.18
CA LEU C 52 53.94 7.31 -10.02
C LEU C 52 54.30 6.92 -8.58
N ILE C 53 53.81 7.65 -7.58
CA ILE C 53 54.25 7.37 -6.21
C ILE C 53 53.30 6.52 -5.38
N ILE C 54 52.16 6.17 -5.95
CA ILE C 54 51.27 5.24 -5.25
C ILE C 54 51.28 3.86 -5.89
N ASN C 55 51.26 3.82 -7.23
CA ASN C 55 51.08 2.55 -7.99
C ASN C 55 52.31 1.99 -8.66
N LYS C 56 53.11 2.83 -9.30
CA LYS C 56 54.31 2.33 -9.96
C LYS C 56 55.41 2.02 -8.95
N ASP C 57 55.53 2.83 -7.90
CA ASP C 57 56.64 2.73 -6.95
C ASP C 57 56.29 3.31 -5.57
N PRO C 58 55.54 2.55 -4.76
CA PRO C 58 55.03 3.06 -3.49
C PRO C 58 56.13 3.31 -2.45
N THR C 59 57.37 2.98 -2.81
CA THR C 59 58.50 3.21 -1.93
C THR C 59 58.86 4.70 -1.91
N LEU C 60 58.28 5.44 -2.84
CA LEU C 60 58.56 6.88 -2.96
C LEU C 60 57.46 7.73 -2.30
N LEU C 61 56.38 7.08 -1.89
CA LEU C 61 55.23 7.77 -1.31
C LEU C 61 55.66 8.67 -0.17
N ASP C 62 56.60 8.20 0.65
CA ASP C 62 56.99 8.89 1.87
C ASP C 62 57.93 10.04 1.56
N ASN C 63 58.64 9.92 0.45
CA ASN C 63 59.56 10.98 0.10
C ASN C 63 58.93 12.24 -0.50
N PHE C 64 57.68 12.15 -0.97
CA PHE C 64 57.07 13.32 -1.59
C PHE C 64 55.70 13.65 -1.00
N LEU C 65 55.37 13.02 0.12
CA LEU C 65 54.07 13.20 0.75
C LEU C 65 53.82 14.66 1.09
N ASP C 66 54.82 15.26 1.72
CA ASP C 66 54.71 16.61 2.28
C ASP C 66 54.49 17.62 1.18
N GLU C 67 55.19 17.43 0.06
CA GLU C 67 55.10 18.25 -1.11
C GLU C 67 53.73 18.15 -1.82
N ILE C 68 53.13 16.96 -1.86
CA ILE C 68 51.75 16.84 -2.33
C ILE C 68 50.75 17.49 -1.34
N ILE C 69 50.90 17.15 -0.06
CA ILE C 69 50.00 17.66 0.99
C ILE C 69 50.00 19.21 1.06
N ALA C 70 51.16 19.80 0.88
CA ALA C 70 51.29 21.26 0.77
C ALA C 70 50.28 21.91 -0.17
N PHE C 71 49.74 21.15 -1.12
CA PHE C 71 48.72 21.70 -2.03
C PHE C 71 47.33 21.82 -1.39
N GLN C 72 47.20 21.40 -0.13
CA GLN C 72 45.94 21.53 0.63
C GLN C 72 45.60 23.02 0.87
N ALA C 73 46.62 23.88 0.80
CA ALA C 73 46.50 25.32 0.99
C ALA C 73 46.22 26.08 -0.33
N ASP C 74 46.18 25.37 -1.45
CA ASP C 74 45.96 26.02 -2.75
C ASP C 74 44.55 26.63 -2.87
N LYS C 75 44.46 27.84 -3.40
CA LYS C 75 43.18 28.54 -3.50
C LYS C 75 42.19 27.83 -4.41
N SER C 76 42.66 26.94 -5.28
CA SER C 76 41.75 26.25 -6.18
C SER C 76 40.99 25.14 -5.48
N ILE C 77 39.66 25.15 -5.70
CA ILE C 77 38.71 24.16 -5.20
C ILE C 77 39.07 22.76 -5.66
N GLU C 78 39.28 22.59 -6.97
CA GLU C 78 39.61 21.28 -7.53
C GLU C 78 41.00 20.79 -7.06
N VAL C 79 41.94 21.70 -6.85
CA VAL C 79 43.24 21.27 -6.32
C VAL C 79 43.08 20.68 -4.92
N ARG C 80 42.32 21.36 -4.05
CA ARG C 80 42.11 20.82 -2.72
C ARG C 80 41.34 19.48 -2.75
N LYS C 81 40.36 19.36 -3.66
CA LYS C 81 39.69 18.07 -3.86
C LYS C 81 40.68 17.00 -4.34
N PHE C 82 41.59 17.35 -5.24
CA PHE C 82 42.65 16.42 -5.62
C PHE C 82 43.44 15.95 -4.39
N VAL C 83 43.76 16.88 -3.49
CA VAL C 83 44.54 16.48 -2.32
C VAL C 83 43.75 15.46 -1.47
N ILE C 84 42.46 15.70 -1.31
CA ILE C 84 41.65 14.75 -0.58
C ILE C 84 41.71 13.34 -1.21
N GLY C 85 41.56 13.29 -2.55
CA GLY C 85 41.54 12.03 -3.31
C GLY C 85 42.91 11.37 -3.21
N PHE C 86 43.94 12.18 -3.07
CA PHE C 86 45.28 11.62 -2.97
C PHE C 86 45.48 10.97 -1.58
N ILE C 87 44.93 11.60 -0.54
CA ILE C 87 45.00 11.08 0.84
C ILE C 87 44.31 9.73 0.87
N GLU C 88 43.17 9.68 0.19
CA GLU C 88 42.37 8.48 0.13
C GLU C 88 43.14 7.30 -0.43
N GLU C 89 43.77 7.49 -1.60
CA GLU C 89 44.51 6.43 -2.24
C GLU C 89 45.78 6.05 -1.50
N ALA C 90 46.46 7.04 -0.90
CA ALA C 90 47.69 6.78 -0.16
C ALA C 90 47.37 5.92 1.05
N CYS C 91 46.30 6.26 1.74
CA CYS C 91 45.83 5.53 2.90
C CYS C 91 45.30 4.15 2.59
N LYS C 92 44.69 3.95 1.42
CA LYS C 92 44.30 2.58 0.99
C LYS C 92 45.49 1.70 0.71
N ARG C 93 46.57 2.30 0.23
CA ARG C 93 47.79 1.59 -0.06
C ARG C 93 48.46 1.29 1.28
N ASP C 94 48.57 2.32 2.14
CA ASP C 94 49.26 2.20 3.41
C ASP C 94 48.52 2.86 4.58
N ILE C 95 47.59 2.11 5.19
CA ILE C 95 46.75 2.61 6.28
C ILE C 95 47.49 3.30 7.44
N GLU C 96 48.75 2.98 7.65
CA GLU C 96 49.54 3.70 8.64
C GLU C 96 49.79 5.17 8.36
N LEU C 97 49.80 5.54 7.08
CA LEU C 97 49.94 6.92 6.71
C LEU C 97 48.81 7.76 7.29
N LEU C 98 47.72 7.10 7.67
CA LEU C 98 46.61 7.81 8.27
C LEU C 98 47.01 8.50 9.61
N LEU C 99 48.05 8.00 10.29
CA LEU C 99 48.55 8.62 11.51
C LEU C 99 48.99 10.06 11.21
N LYS C 100 49.55 10.28 10.02
CA LYS C 100 50.10 11.60 9.69
C LYS C 100 49.09 12.45 8.93
N LEU C 101 48.01 11.83 8.49
CA LEU C 101 47.11 12.47 7.54
C LEU C 101 45.72 12.74 8.08
N ILE C 102 45.37 12.11 9.20
CA ILE C 102 44.01 12.28 9.72
C ILE C 102 43.70 13.75 10.07
N ALA C 103 44.69 14.46 10.61
CA ALA C 103 44.46 15.85 10.97
C ALA C 103 44.17 16.71 9.70
N ASN C 104 44.95 16.49 8.63
CA ASN C 104 44.70 17.12 7.33
C ASN C 104 43.33 16.87 6.74
N LEU C 105 42.91 15.61 6.74
CA LEU C 105 41.56 15.27 6.35
C LEU C 105 40.52 16.00 7.16
N ASN C 106 40.70 16.08 8.47
CA ASN C 106 39.63 16.64 9.30
C ASN C 106 39.59 18.16 9.06
N MET C 107 40.73 18.77 8.81
CA MET C 107 40.63 20.18 8.42
C MET C 107 40.00 20.39 7.04
N LEU C 108 40.24 19.47 6.12
CA LEU C 108 39.58 19.54 4.79
C LEU C 108 38.05 19.34 4.88
N LEU C 109 37.63 18.52 5.83
CA LEU C 109 36.21 18.38 6.15
C LEU C 109 35.61 19.72 6.57
N ARG C 110 36.45 20.62 7.05
CA ARG C 110 35.99 21.93 7.55
C ARG C 110 36.36 23.07 6.60
N ASP C 111 36.71 22.72 5.37
CA ASP C 111 36.98 23.70 4.34
C ASP C 111 35.81 24.67 4.12
N GLU C 112 36.09 25.90 3.72
CA GLU C 112 35.09 26.94 3.55
C GLU C 112 34.23 26.70 2.30
N ASN C 113 34.71 25.89 1.37
CA ASN C 113 33.95 25.63 0.16
C ASN C 113 33.28 24.27 0.25
N VAL C 114 31.99 24.24 -0.06
CA VAL C 114 31.13 23.10 0.18
C VAL C 114 31.51 21.86 -0.61
N ASN C 115 32.12 22.06 -1.78
CA ASN C 115 32.53 20.93 -2.66
C ASN C 115 33.78 20.20 -2.14
N VAL C 116 34.65 20.96 -1.47
CA VAL C 116 35.78 20.35 -0.77
C VAL C 116 35.22 19.52 0.37
N VAL C 117 34.25 20.09 1.11
CA VAL C 117 33.66 19.38 2.24
C VAL C 117 33.02 18.04 1.79
N LYS C 118 32.19 18.11 0.75
CA LYS C 118 31.53 16.91 0.23
C LYS C 118 32.55 15.87 -0.21
N LYS C 119 33.61 16.30 -0.87
CA LYS C 119 34.64 15.35 -1.28
C LYS C 119 35.28 14.67 -0.04
N ALA C 120 35.56 15.44 1.02
CA ALA C 120 36.03 14.85 2.31
C ALA C 120 35.08 13.82 2.91
N ILE C 121 33.77 14.09 2.90
CA ILE C 121 32.78 13.11 3.32
C ILE C 121 32.85 11.81 2.50
N LEU C 122 32.93 11.89 1.16
CA LEU C 122 33.11 10.66 0.36
C LEU C 122 34.42 9.94 0.67
N THR C 123 35.48 10.67 0.98
CA THR C 123 36.72 10.01 1.25
C THR C 123 36.63 9.25 2.58
N MET C 124 35.93 9.82 3.55
CA MET C 124 35.72 9.18 4.83
C MET C 124 34.82 7.97 4.74
N THR C 125 33.90 7.99 3.80
CA THR C 125 33.00 6.86 3.55
C THR C 125 33.78 5.61 3.14
N GLN C 126 34.97 5.82 2.57
CA GLN C 126 35.92 4.76 2.27
C GLN C 126 36.94 4.49 3.39
N LEU C 127 37.54 5.54 3.95
CA LEU C 127 38.61 5.36 4.93
C LEU C 127 38.14 4.84 6.31
N TYR C 128 36.87 5.10 6.66
CA TYR C 128 36.38 4.73 7.97
C TYR C 128 36.53 3.24 8.13
N LYS C 129 36.00 2.49 7.18
CA LYS C 129 35.95 1.05 7.31
C LYS C 129 37.35 0.47 7.09
N VAL C 130 38.21 1.18 6.39
CA VAL C 130 39.58 0.67 6.29
C VAL C 130 40.35 0.89 7.61
N ALA C 131 40.09 2.01 8.28
CA ALA C 131 40.75 2.26 9.55
C ALA C 131 40.27 1.24 10.56
N LEU C 132 38.98 0.95 10.50
CA LEU C 132 38.40 0.05 11.49
C LEU C 132 38.93 -1.39 11.32
N GLN C 133 39.01 -1.81 10.07
CA GLN C 133 39.56 -3.10 9.77
C GLN C 133 40.99 -3.26 10.28
N TRP C 134 41.82 -2.23 10.05
CA TRP C 134 43.19 -2.19 10.62
C TRP C 134 43.19 -2.31 12.15
N MET C 135 42.29 -1.58 12.83
CA MET C 135 42.21 -1.65 14.30
C MET C 135 41.82 -3.08 14.76
N VAL C 136 40.82 -3.68 14.09
CA VAL C 136 40.31 -5.00 14.49
C VAL C 136 41.36 -6.08 14.24
N LYS C 137 42.09 -5.99 13.12
CA LYS C 137 43.11 -7.01 12.80
C LYS C 137 44.32 -6.95 13.74
N SER C 138 44.61 -5.76 14.25
CA SER C 138 45.74 -5.54 15.16
C SER C 138 45.40 -5.96 16.59
N ARG C 139 46.38 -6.53 17.26
CA ARG C 139 46.24 -6.90 18.68
C ARG C 139 47.10 -5.99 19.61
N VAL C 140 48.34 -5.73 19.21
CA VAL C 140 49.16 -4.71 19.88
C VAL C 140 49.20 -3.39 19.11
N ILE C 141 48.73 -2.35 19.77
CA ILE C 141 48.43 -1.06 19.19
C ILE C 141 49.00 0.04 20.05
N SER C 142 49.77 0.91 19.43
CA SER C 142 50.44 2.01 20.09
C SER C 142 49.41 3.09 20.46
N GLU C 143 49.80 3.96 21.38
CA GLU C 143 48.96 5.11 21.78
C GLU C 143 48.61 5.99 20.59
N LEU C 144 49.57 6.16 19.68
CA LEU C 144 49.32 7.02 18.51
C LEU C 144 48.35 6.38 17.50
N GLN C 145 48.47 5.06 17.27
CA GLN C 145 47.49 4.35 16.45
C GLN C 145 46.09 4.44 17.10
N GLU C 146 46.03 4.32 18.42
CA GLU C 146 44.74 4.42 19.06
C GLU C 146 44.15 5.82 18.91
N ALA C 147 44.98 6.85 19.08
CA ALA C 147 44.55 8.24 18.90
C ALA C 147 44.05 8.47 17.50
N CYS C 148 44.74 7.92 16.51
CA CYS C 148 44.29 8.03 15.12
C CYS C 148 42.82 7.54 14.96
N TRP C 149 42.55 6.36 15.50
CA TRP C 149 41.21 5.77 15.52
C TRP C 149 40.20 6.68 16.21
N ASP C 150 40.54 7.22 17.39
CA ASP C 150 39.66 8.18 18.08
C ASP C 150 39.33 9.39 17.19
N MET C 151 40.32 9.80 16.41
CA MET C 151 40.19 10.90 15.48
C MET C 151 39.23 10.49 14.33
N VAL C 152 39.49 9.31 13.76
CA VAL C 152 38.60 8.76 12.73
C VAL C 152 37.13 8.67 13.25
N SER C 153 37.00 8.12 14.45
CA SER C 153 35.69 7.95 15.10
C SER C 153 34.96 9.28 15.33
N ALA C 154 35.71 10.28 15.83
CA ALA C 154 35.17 11.59 16.15
C ALA C 154 34.76 12.30 14.83
N MET C 155 35.54 12.11 13.77
CA MET C 155 35.21 12.70 12.46
C MET C 155 33.94 12.05 11.94
N ALA C 156 33.77 10.74 12.19
CA ALA C 156 32.52 10.14 11.80
C ALA C 156 31.37 10.79 12.58
N GLY C 157 31.55 11.04 13.89
CA GLY C 157 30.50 11.72 14.66
C GLY C 157 30.17 13.09 14.02
N ASP C 158 31.19 13.82 13.56
CA ASP C 158 31.00 15.12 12.94
C ASP C 158 30.19 15.05 11.66
N ILE C 159 30.40 13.99 10.87
CA ILE C 159 29.68 13.85 9.65
C ILE C 159 28.18 13.56 9.96
N ILE C 160 27.91 12.76 10.99
CA ILE C 160 26.54 12.53 11.40
C ILE C 160 25.84 13.88 11.70
N LEU C 161 26.54 14.77 12.38
CA LEU C 161 25.99 16.12 12.66
C LEU C 161 25.77 16.95 11.42
N LEU C 162 26.46 16.64 10.31
CA LEU C 162 26.24 17.39 9.06
C LEU C 162 24.88 17.03 8.41
N LEU C 163 24.13 16.09 9.00
CA LEU C 163 22.72 15.94 8.69
C LEU C 163 21.97 17.23 8.99
N ASP C 164 22.47 18.03 9.94
CA ASP C 164 21.85 19.31 10.31
C ASP C 164 22.48 20.51 9.58
N SER C 165 23.36 20.26 8.61
CA SER C 165 23.87 21.34 7.79
C SER C 165 22.71 22.07 7.11
N ASP C 166 22.90 23.35 6.84
CA ASP C 166 21.93 24.13 6.08
C ASP C 166 22.19 24.01 4.58
N ASN C 167 23.14 23.16 4.18
CA ASN C 167 23.47 23.00 2.75
C ASN C 167 22.90 21.67 2.21
N ASP C 168 22.14 21.71 1.11
CA ASP C 168 21.44 20.50 0.63
C ASP C 168 22.43 19.41 0.16
N GLY C 169 23.54 19.79 -0.47
CA GLY C 169 24.52 18.84 -0.99
C GLY C 169 25.30 18.19 0.15
N ILE C 170 25.64 18.98 1.16
CA ILE C 170 26.27 18.40 2.33
C ILE C 170 25.38 17.34 3.01
N ARG C 171 24.11 17.67 3.20
CA ARG C 171 23.19 16.72 3.79
C ARG C 171 23.10 15.43 2.97
N THR C 172 23.05 15.53 1.64
CA THR C 172 22.99 14.35 0.80
C THR C 172 24.25 13.46 1.01
N HIS C 173 25.43 14.06 1.01
CA HIS C 173 26.67 13.29 1.23
C HIS C 173 26.71 12.72 2.66
N ALA C 174 26.22 13.47 3.63
CA ALA C 174 26.21 12.99 5.00
C ALA C 174 25.32 11.75 5.11
N ILE C 175 24.17 11.78 4.42
CA ILE C 175 23.27 10.62 4.42
C ILE C 175 23.99 9.38 3.91
N LYS C 176 24.79 9.52 2.83
CA LYS C 176 25.53 8.38 2.28
C LYS C 176 26.56 7.89 3.29
N PHE C 177 27.26 8.82 3.93
CA PHE C 177 28.23 8.39 4.94
C PHE C 177 27.48 7.59 6.04
N VAL C 178 26.35 8.12 6.48
CA VAL C 178 25.65 7.58 7.63
C VAL C 178 25.14 6.19 7.25
N GLU C 179 24.66 6.07 6.01
CA GLU C 179 24.29 4.79 5.45
C GLU C 179 25.39 3.72 5.56
N GLY C 180 26.62 4.06 5.12
CA GLY C 180 27.77 3.12 5.20
C GLY C 180 28.08 2.76 6.66
N LEU C 181 27.92 3.74 7.54
CA LEU C 181 28.24 3.57 8.95
C LEU C 181 27.26 2.59 9.64
N ILE C 182 25.95 2.75 9.39
CA ILE C 182 24.94 1.86 9.88
C ILE C 182 25.24 0.41 9.44
N VAL C 183 25.60 0.23 8.16
CA VAL C 183 25.88 -1.11 7.67
C VAL C 183 27.14 -1.68 8.32
N THR C 184 28.22 -0.90 8.35
CA THR C 184 29.47 -1.31 8.92
C THR C 184 29.32 -1.64 10.41
N LEU C 185 28.50 -0.89 11.14
CA LEU C 185 28.41 -1.11 12.55
C LEU C 185 27.21 -1.96 12.98
N SER C 186 26.73 -2.83 12.09
CA SER C 186 25.74 -3.82 12.44
C SER C 186 26.16 -5.16 11.82
N PRO C 187 25.69 -6.29 12.41
CA PRO C 187 26.22 -7.57 11.98
C PRO C 187 25.53 -8.11 10.71
N ARG C 188 26.37 -8.62 9.80
CA ARG C 188 25.96 -9.35 8.64
C ARG C 188 25.27 -10.62 9.16
N MET C 189 24.09 -10.95 8.62
CA MET C 189 23.39 -12.22 8.93
C MET C 189 23.31 -13.07 7.66
N ALA C 190 22.75 -14.27 7.80
CA ALA C 190 22.66 -15.28 6.73
C ALA C 190 21.86 -14.78 5.53
N ASP C 191 20.81 -14.00 5.79
CA ASP C 191 19.98 -13.46 4.73
C ASP C 191 20.44 -12.10 4.23
N SER C 192 21.65 -11.67 4.62
CA SER C 192 22.19 -10.36 4.19
C SER C 192 22.54 -10.43 2.73
N GLU C 193 22.15 -9.41 1.98
CA GLU C 193 22.53 -9.32 0.57
C GLU C 193 23.70 -8.37 0.45
N ILE C 194 24.83 -8.87 -0.01
CA ILE C 194 26.08 -8.14 -0.02
C ILE C 194 26.63 -7.83 -1.42
N PRO C 195 26.84 -6.54 -1.72
CA PRO C 195 27.46 -6.22 -3.02
C PRO C 195 28.71 -7.04 -3.20
N ARG C 196 28.99 -7.42 -4.45
CA ARG C 196 30.18 -8.23 -4.74
C ARG C 196 31.45 -7.56 -4.20
N ARG C 197 31.55 -6.25 -4.37
CA ARG C 197 32.73 -5.46 -3.99
C ARG C 197 33.03 -5.49 -2.47
N GLN C 198 32.00 -5.70 -1.67
CA GLN C 198 32.09 -5.53 -0.22
C GLN C 198 32.12 -6.85 0.53
N GLU C 199 32.44 -7.92 -0.18
CA GLU C 199 32.41 -9.24 0.40
C GLU C 199 33.34 -9.29 1.62
N HIS C 200 34.45 -8.58 1.52
CA HIS C 200 35.49 -8.66 2.53
C HIS C 200 35.52 -7.44 3.43
N ASP C 201 34.54 -6.56 3.31
CA ASP C 201 34.49 -5.37 4.15
C ASP C 201 34.26 -5.77 5.60
N ILE C 202 34.81 -4.97 6.51
CA ILE C 202 34.65 -5.24 7.96
C ILE C 202 33.20 -4.97 8.31
N SER C 203 32.66 -5.74 9.22
CA SER C 203 31.35 -5.46 9.78
C SER C 203 31.40 -5.85 11.26
N LEU C 204 30.32 -5.55 11.98
CA LEU C 204 30.28 -5.73 13.43
C LEU C 204 30.51 -7.17 13.89
N ASP C 205 29.90 -8.13 13.18
CA ASP C 205 30.08 -9.56 13.49
C ASP C 205 31.54 -10.04 13.39
N ARG C 206 32.41 -9.23 12.80
CA ARG C 206 33.84 -9.56 12.66
C ARG C 206 34.68 -9.11 13.87
N ILE C 207 34.06 -8.41 14.83
CA ILE C 207 34.79 -7.90 15.97
C ILE C 207 34.63 -8.86 17.14
N PRO C 208 35.73 -9.46 17.63
CA PRO C 208 35.62 -10.33 18.80
C PRO C 208 35.19 -9.52 20.01
N ARG C 209 34.47 -10.16 20.90
CA ARG C 209 34.01 -9.53 22.15
C ARG C 209 35.09 -9.14 23.12
N ASP C 210 36.24 -9.80 23.03
CA ASP C 210 37.33 -9.48 23.93
C ASP C 210 38.45 -8.77 23.19
N HIS C 211 38.13 -8.05 22.13
CA HIS C 211 39.17 -7.33 21.49
C HIS C 211 39.74 -6.29 22.45
N PRO C 212 41.09 -6.20 22.56
CA PRO C 212 41.66 -5.26 23.55
C PRO C 212 41.45 -3.75 23.32
N TYR C 213 41.08 -3.30 22.12
CA TYR C 213 40.94 -1.87 21.91
C TYR C 213 39.62 -1.43 21.36
N ILE C 214 39.05 -2.25 20.47
CA ILE C 214 37.80 -1.96 19.82
C ILE C 214 36.67 -2.70 20.57
N GLN C 215 35.67 -1.93 20.98
CA GLN C 215 34.58 -2.41 21.84
C GLN C 215 33.34 -2.69 21.02
N TYR C 216 33.03 -3.97 20.83
CA TYR C 216 31.88 -4.36 20.01
C TYR C 216 30.60 -3.66 20.51
N ASN C 217 30.45 -3.61 21.84
CA ASN C 217 29.23 -3.08 22.46
C ASN C 217 29.04 -1.58 22.24
N VAL C 218 30.13 -0.83 22.27
CA VAL C 218 30.09 0.62 22.02
C VAL C 218 29.75 0.88 20.54
N LEU C 219 30.39 0.17 19.61
CA LEU C 219 30.10 0.32 18.17
C LEU C 219 28.68 -0.08 17.77
N TRP C 220 28.12 -1.10 18.42
CA TRP C 220 26.73 -1.46 18.23
C TRP C 220 25.82 -0.29 18.62
N GLU C 221 26.12 0.33 19.77
CA GLU C 221 25.33 1.50 20.19
C GLU C 221 25.42 2.64 19.18
N GLU C 222 26.59 2.82 18.57
CA GLU C 222 26.78 3.92 17.62
C GLU C 222 26.05 3.62 16.33
N GLY C 223 26.05 2.36 15.88
CA GLY C 223 25.37 2.04 14.64
C GLY C 223 23.86 2.27 14.81
N LYS C 224 23.35 1.86 15.96
CA LYS C 224 21.94 2.01 16.32
C LYS C 224 21.50 3.48 16.42
N ALA C 225 22.24 4.27 17.21
CA ALA C 225 22.07 5.72 17.30
C ALA C 225 22.05 6.39 15.92
N ALA C 226 22.98 6.00 15.06
CA ALA C 226 23.07 6.54 13.71
C ALA C 226 21.82 6.23 12.88
N LEU C 227 21.34 4.99 12.98
CA LEU C 227 20.09 4.63 12.28
C LEU C 227 18.95 5.47 12.85
N GLU C 228 18.88 5.60 14.16
CA GLU C 228 17.86 6.45 14.75
C GLU C 228 17.94 7.90 14.19
N GLN C 229 19.14 8.48 14.10
CA GLN C 229 19.24 9.83 13.59
C GLN C 229 18.72 9.89 12.16
N LEU C 230 18.98 8.85 11.39
CA LEU C 230 18.55 8.84 9.99
C LEU C 230 17.02 8.76 9.86
N LEU C 231 16.40 7.96 10.72
CA LEU C 231 14.93 7.86 10.79
C LEU C 231 14.29 9.16 11.30
N LYS C 232 14.90 9.78 12.32
CA LYS C 232 14.48 11.14 12.75
C LYS C 232 14.55 12.13 11.58
N PHE C 233 15.66 12.09 10.85
CA PHE C 233 15.86 12.94 9.68
C PHE C 233 14.74 12.82 8.66
N MET C 234 14.33 11.59 8.34
CA MET C 234 13.37 11.32 7.26
C MET C 234 12.00 11.95 7.47
N VAL C 235 11.67 12.24 8.73
CA VAL C 235 10.37 12.77 9.13
C VAL C 235 10.41 14.24 9.52
N HIS C 236 11.57 14.90 9.45
CA HIS C 236 11.55 16.37 9.54
C HIS C 236 10.63 16.91 8.44
N PRO C 237 9.68 17.81 8.82
CA PRO C 237 8.72 18.37 7.90
C PRO C 237 9.38 19.15 6.75
N ALA C 238 10.59 19.65 6.99
CA ALA C 238 11.27 20.54 6.06
C ALA C 238 12.25 19.84 5.14
N ILE C 239 12.29 18.53 5.21
CA ILE C 239 13.28 17.77 4.42
C ILE C 239 13.10 18.08 2.94
N SER C 240 14.21 18.21 2.22
CA SER C 240 14.14 18.55 0.79
C SER C 240 13.85 17.32 -0.07
N SER C 241 13.57 17.55 -1.34
CA SER C 241 13.32 16.49 -2.31
C SER C 241 14.50 15.51 -2.50
N ILE C 242 15.66 16.10 -2.73
CA ILE C 242 16.84 15.28 -2.94
C ILE C 242 17.28 14.53 -1.68
N ASN C 243 17.27 15.17 -0.50
CA ASN C 243 17.68 14.49 0.76
C ASN C 243 16.67 13.39 1.08
N LEU C 244 15.40 13.65 0.80
CA LEU C 244 14.41 12.60 1.05
C LEU C 244 14.66 11.39 0.13
N THR C 245 14.87 11.62 -1.15
CA THR C 245 15.06 10.47 -2.03
C THR C 245 16.36 9.78 -1.70
N THR C 246 17.37 10.54 -1.30
CA THR C 246 18.59 9.90 -0.84
C THR C 246 18.36 8.98 0.38
N ALA C 247 17.67 9.50 1.40
CA ALA C 247 17.40 8.74 2.61
C ALA C 247 16.58 7.47 2.29
N LEU C 248 15.62 7.59 1.35
CA LEU C 248 14.81 6.45 0.97
C LEU C 248 15.66 5.37 0.38
N GLY C 249 16.55 5.72 -0.55
CA GLY C 249 17.42 4.74 -1.17
C GLY C 249 18.37 4.13 -0.15
N SER C 250 18.84 4.95 0.80
CA SER C 250 19.76 4.49 1.83
C SER C 250 19.06 3.45 2.74
N LEU C 251 17.81 3.70 3.12
CA LEU C 251 17.08 2.76 3.98
C LEU C 251 16.86 1.46 3.24
N ALA C 252 16.70 1.54 1.92
CA ALA C 252 16.52 0.32 1.13
C ALA C 252 17.82 -0.52 1.06
N ASN C 253 18.95 0.14 0.89
CA ASN C 253 20.21 -0.61 0.91
C ASN C 253 20.43 -1.19 2.31
N ILE C 254 20.00 -0.45 3.32
CA ILE C 254 20.19 -0.89 4.69
C ILE C 254 19.34 -2.10 4.99
N ALA C 255 18.09 -2.10 4.54
CA ALA C 255 17.21 -3.23 4.79
C ALA C 255 17.72 -4.51 4.07
N ARG C 256 18.25 -4.35 2.86
CA ARG C 256 18.71 -5.50 2.09
C ARG C 256 20.01 -6.13 2.65
N GLN C 257 20.92 -5.28 3.10
CA GLN C 257 22.21 -5.76 3.65
C GLN C 257 22.10 -6.15 5.15
N ARG C 258 21.13 -5.55 5.83
CA ARG C 258 20.93 -5.77 7.23
C ARG C 258 19.43 -5.99 7.50
N PRO C 259 18.91 -7.18 7.11
CA PRO C 259 17.44 -7.36 7.22
C PRO C 259 16.82 -7.31 8.64
N MET C 260 17.64 -7.34 9.67
CA MET C 260 17.16 -7.13 11.05
C MET C 260 16.50 -5.73 11.23
N PHE C 261 16.83 -4.78 10.36
CA PHE C 261 16.23 -3.43 10.36
C PHE C 261 15.05 -3.28 9.42
N MET C 262 14.63 -4.39 8.81
CA MET C 262 13.65 -4.33 7.73
C MET C 262 12.36 -3.68 8.30
N SER C 263 12.12 -3.99 9.57
CA SER C 263 10.94 -3.54 10.27
C SER C 263 10.85 -2.02 10.36
N GLU C 264 11.96 -1.42 10.78
CA GLU C 264 12.05 0.01 10.93
C GLU C 264 11.97 0.69 9.58
N VAL C 265 12.60 0.09 8.57
CA VAL C 265 12.60 0.70 7.25
C VAL C 265 11.15 0.77 6.71
N ILE C 266 10.41 -0.33 6.84
CA ILE C 266 9.03 -0.38 6.32
C ILE C 266 8.15 0.68 7.04
N GLN C 267 8.36 0.76 8.36
CA GLN C 267 7.67 1.74 9.20
C GLN C 267 7.95 3.14 8.72
N ALA C 268 9.23 3.44 8.49
CA ALA C 268 9.62 4.74 7.99
C ALA C 268 8.95 5.07 6.63
N TYR C 269 8.80 4.06 5.76
CA TYR C 269 8.15 4.21 4.47
C TYR C 269 6.66 4.51 4.62
N GLU C 270 6.01 3.79 5.56
CA GLU C 270 4.60 3.96 5.88
C GLU C 270 4.34 5.33 6.48
N THR C 271 5.20 5.70 7.43
CA THR C 271 5.11 7.05 8.04
C THR C 271 5.23 8.17 7.01
N LEU C 272 6.26 8.11 6.17
CA LEU C 272 6.41 9.04 5.07
C LEU C 272 5.17 9.09 4.12
N HIS C 273 4.64 7.92 3.77
CA HIS C 273 3.51 7.89 2.84
C HIS C 273 2.24 8.47 3.49
N ALA C 274 2.08 8.27 4.81
CA ALA C 274 0.93 8.86 5.53
C ALA C 274 1.11 10.36 5.81
N ASN C 275 2.32 10.87 5.63
CA ASN C 275 2.69 12.22 6.08
C ASN C 275 3.51 12.99 5.04
N LEU C 276 2.84 13.51 4.05
CA LEU C 276 3.44 14.28 2.98
C LEU C 276 4.23 15.50 3.55
N PRO C 277 5.56 15.52 3.38
CA PRO C 277 6.30 16.70 3.90
C PRO C 277 5.83 17.97 3.18
N PRO C 278 5.43 18.99 3.94
CA PRO C 278 4.64 20.05 3.29
C PRO C 278 5.40 21.09 2.45
N THR C 279 6.73 21.00 2.37
CA THR C 279 7.49 21.98 1.56
C THR C 279 7.85 21.45 0.18
N LEU C 280 7.44 20.21 -0.12
CA LEU C 280 7.72 19.65 -1.44
C LEU C 280 6.81 20.29 -2.47
N ALA C 281 7.38 20.86 -3.54
CA ALA C 281 6.55 21.25 -4.70
C ALA C 281 5.97 20.01 -5.41
N LYS C 282 5.00 20.26 -6.27
CA LYS C 282 4.27 19.24 -7.03
C LYS C 282 5.21 18.20 -7.71
N SER C 283 6.16 18.68 -8.51
CA SER C 283 7.00 17.78 -9.24
C SER C 283 8.00 17.08 -8.31
N GLN C 284 8.22 17.63 -7.11
CA GLN C 284 9.08 17.03 -6.11
C GLN C 284 8.34 15.90 -5.41
N VAL C 285 7.04 16.11 -5.15
CA VAL C 285 6.19 15.06 -4.65
C VAL C 285 6.20 13.89 -5.64
N SER C 286 6.03 14.16 -6.93
CA SER C 286 6.12 13.07 -7.93
C SER C 286 7.48 12.33 -7.97
N SER C 287 8.56 13.09 -8.00
CA SER C 287 9.93 12.54 -8.00
C SER C 287 10.13 11.66 -6.80
N VAL C 288 9.73 12.17 -5.61
CA VAL C 288 9.83 11.38 -4.39
C VAL C 288 8.96 10.10 -4.42
N ARG C 289 7.74 10.19 -4.91
CA ARG C 289 6.88 9.00 -4.95
C ARG C 289 7.40 7.93 -5.93
N LYS C 290 7.88 8.37 -7.07
CA LYS C 290 8.50 7.47 -8.03
C LYS C 290 9.68 6.72 -7.40
N ASN C 291 10.49 7.41 -6.61
CA ASN C 291 11.54 6.75 -5.87
C ASN C 291 11.07 5.84 -4.73
N LEU C 292 10.02 6.25 -4.04
CA LEU C 292 9.44 5.38 -3.03
C LEU C 292 9.00 4.04 -3.66
N LYS C 293 8.33 4.09 -4.79
CA LYS C 293 7.87 2.89 -5.47
C LYS C 293 9.07 1.98 -5.78
N LEU C 294 10.12 2.60 -6.32
CA LEU C 294 11.31 1.89 -6.73
C LEU C 294 12.00 1.18 -5.57
N HIS C 295 12.19 1.88 -4.47
CA HIS C 295 12.80 1.25 -3.28
C HIS C 295 11.88 0.20 -2.59
N LEU C 296 10.57 0.40 -2.62
CA LEU C 296 9.67 -0.63 -2.12
C LEU C 296 9.82 -1.89 -2.95
N LEU C 297 9.94 -1.73 -4.28
CA LEU C 297 10.07 -2.86 -5.19
C LEU C 297 11.32 -3.65 -4.91
N SER C 298 12.40 -2.94 -4.60
CA SER C 298 13.66 -3.62 -4.41
C SER C 298 13.72 -4.30 -3.05
N VAL C 299 13.09 -3.71 -2.03
CA VAL C 299 12.96 -4.36 -0.74
C VAL C 299 12.03 -5.61 -0.84
N LEU C 300 10.94 -5.50 -1.60
CA LEU C 300 10.01 -6.61 -1.77
C LEU C 300 10.73 -7.84 -2.33
N LYS C 301 11.74 -7.63 -3.18
CA LYS C 301 12.47 -8.74 -3.83
C LYS C 301 13.33 -9.52 -2.80
N HIS C 302 13.75 -8.85 -1.74
CA HIS C 302 14.52 -9.50 -0.70
C HIS C 302 13.64 -10.50 0.04
N PRO C 303 14.14 -11.74 0.28
CA PRO C 303 13.30 -12.77 0.93
C PRO C 303 12.83 -12.38 2.33
N ALA C 304 13.53 -11.48 2.98
CA ALA C 304 13.14 -11.08 4.32
C ALA C 304 11.93 -10.12 4.35
N SER C 305 11.46 -9.69 3.18
CA SER C 305 10.27 -8.84 3.09
C SER C 305 8.96 -9.63 3.32
N LEU C 306 9.07 -10.96 3.28
CA LEU C 306 7.95 -11.86 3.52
C LEU C 306 7.02 -11.39 4.66
N GLU C 307 7.54 -11.24 5.87
CA GLU C 307 6.63 -10.92 6.96
C GLU C 307 6.05 -9.51 6.91
N PHE C 308 6.52 -8.68 5.98
CA PHE C 308 5.97 -7.35 5.80
C PHE C 308 5.30 -7.19 4.40
N GLN C 309 5.02 -8.31 3.74
CA GLN C 309 4.56 -8.29 2.36
C GLN C 309 3.31 -7.42 2.17
N ALA C 310 2.40 -7.49 3.15
CA ALA C 310 1.14 -6.78 3.05
C ALA C 310 1.33 -5.28 3.18
N GLN C 311 2.17 -4.87 4.10
CA GLN C 311 2.50 -3.46 4.26
C GLN C 311 3.12 -2.84 3.02
N ILE C 312 4.12 -3.55 2.48
CA ILE C 312 4.86 -3.08 1.32
C ILE C 312 3.92 -2.99 0.11
N THR C 313 3.15 -4.04 -0.05
CA THR C 313 2.37 -4.23 -1.24
C THR C 313 1.18 -3.26 -1.18
N THR C 314 0.69 -2.98 0.03
CA THR C 314 -0.33 -1.97 0.23
C THR C 314 0.17 -0.61 -0.23
N LEU C 315 1.43 -0.30 0.11
CA LEU C 315 2.02 0.94 -0.34
C LEU C 315 2.15 1.01 -1.86
N LEU C 316 2.65 -0.07 -2.45
CA LEU C 316 2.81 -0.14 -3.89
C LEU C 316 1.52 0.09 -4.64
N VAL C 317 0.44 -0.56 -4.18
CA VAL C 317 -0.85 -0.42 -4.83
C VAL C 317 -1.38 1.03 -4.72
N ASP C 318 -1.17 1.63 -3.55
CA ASP C 318 -1.60 3.01 -3.33
C ASP C 318 -0.80 3.99 -4.23
N LEU C 319 0.45 3.65 -4.50
CA LEU C 319 1.28 4.41 -5.44
C LEU C 319 0.95 4.17 -6.92
N GLY C 320 -0.05 3.35 -7.20
CA GLY C 320 -0.45 3.13 -8.57
C GLY C 320 0.39 2.12 -9.31
N THR C 321 1.19 1.32 -8.60
CA THR C 321 2.01 0.27 -9.20
C THR C 321 1.16 -0.84 -9.82
N PRO C 322 1.34 -1.15 -11.12
CA PRO C 322 0.54 -2.23 -11.76
C PRO C 322 0.79 -3.59 -11.11
N GLN C 323 -0.25 -4.43 -11.06
CA GLN C 323 -0.16 -5.71 -10.34
C GLN C 323 0.93 -6.67 -10.87
N ALA C 324 1.08 -6.72 -12.19
CA ALA C 324 2.08 -7.58 -12.84
C ALA C 324 3.53 -7.18 -12.48
N GLU C 325 3.72 -5.88 -12.22
CA GLU C 325 5.02 -5.36 -11.84
C GLU C 325 5.34 -5.72 -10.38
N ILE C 326 4.30 -5.78 -9.55
CA ILE C 326 4.41 -6.24 -8.18
C ILE C 326 4.87 -7.72 -8.12
N ALA C 327 4.21 -8.56 -8.92
CA ALA C 327 4.56 -9.99 -9.05
C ALA C 327 5.99 -10.21 -9.54
N ARG C 328 6.41 -9.42 -10.53
CA ARG C 328 7.76 -9.47 -11.08
C ARG C 328 8.79 -9.20 -9.99
N ASN C 329 8.40 -8.42 -8.97
CA ASN C 329 9.34 -8.10 -7.92
C ASN C 329 9.11 -8.87 -6.61
N MET C 330 8.36 -9.98 -6.66
CA MET C 330 8.26 -10.90 -5.53
C MET C 330 9.61 -11.62 -5.33
N PRO C 331 9.92 -12.05 -4.10
CA PRO C 331 11.18 -12.79 -3.89
C PRO C 331 11.21 -14.13 -4.64
N SER D 23 31.04 29.34 -13.73
CA SER D 23 31.23 28.98 -12.35
C SER D 23 31.55 27.50 -12.30
N SER D 24 30.51 26.68 -12.20
CA SER D 24 30.66 25.23 -12.07
C SER D 24 30.54 24.44 -13.35
N PRO D 25 31.65 24.23 -14.06
CA PRO D 25 31.64 23.61 -15.40
C PRO D 25 30.99 22.21 -15.50
N LEU D 26 29.73 22.17 -15.90
CA LEU D 26 29.00 20.90 -15.97
C LEU D 26 29.47 19.87 -17.02
N ARG D 27 29.72 18.64 -16.61
CA ARG D 27 29.70 17.50 -17.51
C ARG D 27 28.22 17.03 -17.63
N VAL D 28 27.68 17.11 -18.82
CA VAL D 28 26.27 16.85 -19.01
C VAL D 28 26.07 15.62 -19.88
N ALA D 29 25.06 14.79 -19.61
CA ALA D 29 24.65 13.73 -20.56
C ALA D 29 23.19 13.98 -20.95
N VAL D 30 22.85 13.87 -22.23
CA VAL D 30 21.47 14.03 -22.60
C VAL D 30 21.00 12.68 -23.13
N VAL D 31 19.82 12.25 -22.71
CA VAL D 31 19.41 10.88 -23.00
C VAL D 31 18.03 10.83 -23.60
N SER D 32 17.88 10.13 -24.71
CA SER D 32 16.56 9.91 -25.35
C SER D 32 16.35 8.42 -25.52
N SER D 33 15.48 7.97 -26.43
CA SER D 33 15.26 6.52 -26.62
C SER D 33 16.22 5.91 -27.61
N SER D 34 16.25 6.43 -28.83
CA SER D 34 17.09 5.88 -29.87
C SER D 34 18.40 6.62 -30.08
N ASN D 35 18.64 7.70 -29.34
CA ASN D 35 19.82 8.55 -29.56
C ASN D 35 19.93 9.01 -31.03
N GLN D 36 18.82 9.55 -31.56
CA GLN D 36 18.68 9.96 -32.96
C GLN D 36 18.24 11.42 -33.15
N ASN D 37 17.36 11.87 -32.29
CA ASN D 37 16.61 13.08 -32.54
C ASN D 37 16.75 14.00 -31.33
N ARG D 38 15.96 13.73 -30.28
CA ARG D 38 15.91 14.67 -29.16
C ARG D 38 17.27 14.84 -28.46
N SER D 39 18.02 13.75 -28.27
CA SER D 39 19.27 13.85 -27.56
C SER D 39 20.37 14.36 -28.46
N MET D 40 20.25 14.12 -29.76
CA MET D 40 21.26 14.54 -30.72
C MET D 40 21.16 16.06 -31.07
N GLU D 41 19.94 16.58 -31.12
CA GLU D 41 19.70 18.00 -31.29
C GLU D 41 20.30 18.78 -30.06
N ALA D 42 20.14 18.21 -28.88
CA ALA D 42 20.63 18.81 -27.66
C ALA D 42 22.16 18.65 -27.62
N HIS D 43 22.65 17.46 -27.99
CA HIS D 43 24.10 17.25 -28.08
C HIS D 43 24.71 18.37 -28.93
N ASN D 44 24.19 18.53 -30.15
CA ASN D 44 24.66 19.53 -31.08
C ASN D 44 24.67 20.98 -30.53
N ILE D 45 23.55 21.43 -29.96
CA ILE D 45 23.45 22.79 -29.38
C ILE D 45 24.41 22.93 -28.19
N LEU D 46 24.34 22.00 -27.24
CA LEU D 46 25.25 22.06 -26.08
C LEU D 46 26.74 21.99 -26.47
N SER D 47 27.07 21.12 -27.40
CA SER D 47 28.47 21.06 -27.81
C SER D 47 28.90 22.37 -28.48
N LYS D 48 28.08 22.94 -29.37
CA LYS D 48 28.48 24.19 -30.05
C LYS D 48 28.63 25.36 -29.05
N ARG D 49 27.85 25.34 -27.97
CA ARG D 49 27.96 26.38 -26.95
C ARG D 49 29.03 26.11 -25.86
N GLY D 50 30.00 25.24 -26.16
CA GLY D 50 31.11 24.93 -25.24
C GLY D 50 30.87 24.07 -24.00
N PHE D 51 29.74 23.38 -23.91
CA PHE D 51 29.57 22.33 -22.90
C PHE D 51 30.31 21.01 -23.18
N SER D 52 30.75 20.40 -22.09
CA SER D 52 31.16 19.01 -22.12
C SER D 52 29.89 18.13 -22.09
N VAL D 53 29.66 17.45 -23.20
CA VAL D 53 28.40 16.73 -23.40
C VAL D 53 28.57 15.38 -24.07
N ARG D 54 27.80 14.37 -23.63
CA ARG D 54 27.71 13.07 -24.30
C ARG D 54 26.22 12.78 -24.42
N SER D 55 25.84 11.94 -25.36
CA SER D 55 24.41 11.63 -25.55
C SER D 55 24.17 10.16 -25.69
N PHE D 56 22.97 9.73 -25.35
CA PHE D 56 22.68 8.32 -25.29
C PHE D 56 21.21 8.07 -25.57
N GLY D 57 20.89 6.82 -25.86
CA GLY D 57 19.49 6.32 -25.85
C GLY D 57 19.36 5.17 -24.86
N THR D 58 18.14 4.92 -24.39
CA THR D 58 17.93 3.85 -23.41
C THR D 58 17.13 2.76 -24.04
N GLY D 59 16.70 3.03 -25.27
CA GLY D 59 16.00 1.99 -26.08
C GLY D 59 16.86 0.73 -26.16
N THR D 60 16.17 -0.37 -26.39
CA THR D 60 16.80 -1.66 -26.59
C THR D 60 17.48 -1.71 -27.96
N HIS D 61 16.86 -1.09 -28.95
CA HIS D 61 17.41 -1.00 -30.29
C HIS D 61 17.27 0.41 -30.81
N VAL D 62 17.90 0.69 -31.95
CA VAL D 62 17.72 2.00 -32.58
C VAL D 62 16.60 1.92 -33.63
N LYS D 63 15.59 2.76 -33.44
CA LYS D 63 14.43 2.69 -34.33
C LYS D 63 14.22 3.96 -35.09
N LEU D 64 13.99 3.80 -36.38
CA LEU D 64 13.65 4.93 -37.26
C LEU D 64 12.30 4.60 -37.90
N PRO D 65 11.44 5.61 -38.10
CA PRO D 65 10.17 5.39 -38.81
C PRO D 65 10.38 4.84 -40.22
N GLY D 66 9.42 4.04 -40.66
CA GLY D 66 9.42 3.51 -42.01
C GLY D 66 8.16 3.95 -42.74
N PRO D 67 7.77 3.20 -43.80
CA PRO D 67 6.64 3.62 -44.68
C PRO D 67 5.23 3.40 -44.09
N ALA D 68 5.14 2.62 -43.01
CA ALA D 68 3.90 2.34 -42.28
C ALA D 68 4.29 2.31 -40.80
N PRO D 69 3.33 2.55 -39.87
CA PRO D 69 3.64 2.63 -38.44
C PRO D 69 4.11 1.30 -37.81
N ASP D 70 3.73 0.19 -38.43
CA ASP D 70 4.17 -1.15 -38.04
C ASP D 70 5.40 -1.60 -38.83
N LYS D 71 6.01 -0.69 -39.59
CA LYS D 71 7.20 -1.05 -40.37
C LYS D 71 8.46 -0.23 -40.06
N PRO D 72 8.85 -0.15 -38.77
CA PRO D 72 9.98 0.69 -38.45
C PRO D 72 11.31 0.12 -38.96
N ASN D 73 12.30 1.00 -39.09
CA ASN D 73 13.66 0.61 -39.41
C ASN D 73 14.40 0.43 -38.11
N VAL D 74 14.82 -0.82 -37.89
CA VAL D 74 15.34 -1.26 -36.61
C VAL D 74 16.79 -1.73 -36.73
N TYR D 75 17.64 -1.11 -35.91
CA TYR D 75 19.05 -1.38 -35.96
C TYR D 75 19.57 -1.62 -34.58
N ASP D 76 20.54 -2.53 -34.49
CA ASP D 76 21.39 -2.70 -33.33
C ASP D 76 22.27 -1.43 -33.12
N PHE D 77 22.49 -1.06 -31.88
CA PHE D 77 23.35 0.12 -31.56
C PHE D 77 24.78 0.10 -32.12
N LYS D 78 25.28 -1.05 -32.54
CA LYS D 78 26.56 -1.14 -33.22
C LYS D 78 26.60 -0.40 -34.57
N THR D 79 25.44 -0.12 -35.16
CA THR D 79 25.35 0.40 -36.53
C THR D 79 25.66 1.88 -36.54
N THR D 80 26.43 2.32 -37.53
CA THR D 80 26.86 3.73 -37.59
C THR D 80 25.72 4.51 -38.22
N TYR D 81 25.61 5.80 -37.89
CA TYR D 81 24.64 6.63 -38.62
C TYR D 81 24.84 6.55 -40.14
N ASP D 82 26.09 6.47 -40.59
CA ASP D 82 26.40 6.38 -42.04
C ASP D 82 25.72 5.15 -42.64
N GLN D 83 25.88 3.99 -42.04
CA GLN D 83 25.27 2.75 -42.55
C GLN D 83 23.74 2.89 -42.61
N MET D 84 23.18 3.54 -41.60
CA MET D 84 21.75 3.79 -41.60
C MET D 84 21.42 4.72 -42.76
N TYR D 85 22.23 5.76 -42.95
CA TYR D 85 21.98 6.73 -44.01
C TYR D 85 21.88 6.00 -45.36
N ASN D 86 22.83 5.11 -45.60
CA ASN D 86 22.94 4.37 -46.84
C ASN D 86 21.85 3.31 -46.97
N ASP D 87 21.48 2.70 -45.84
CA ASP D 87 20.40 1.71 -45.85
C ASP D 87 19.12 2.38 -46.35
N LEU D 88 18.84 3.56 -45.80
CA LEU D 88 17.67 4.33 -46.13
C LEU D 88 17.68 4.90 -47.54
N LEU D 89 18.83 5.33 -48.01
CA LEU D 89 18.96 5.93 -49.35
C LEU D 89 18.74 4.86 -50.45
N ARG D 90 19.13 3.63 -50.13
CA ARG D 90 18.96 2.50 -51.03
C ARG D 90 17.53 1.93 -50.94
N LYS D 91 16.85 2.17 -49.82
CA LYS D 91 15.50 1.65 -49.56
C LYS D 91 14.43 2.49 -50.22
N ASP D 92 14.49 3.82 -50.00
CA ASP D 92 13.49 4.76 -50.53
C ASP D 92 13.97 6.19 -50.38
N LYS D 93 14.73 6.70 -51.34
CA LYS D 93 15.40 7.99 -51.11
C LYS D 93 14.39 9.12 -50.98
N GLU D 94 13.26 8.95 -51.65
CA GLU D 94 12.20 9.96 -51.71
C GLU D 94 11.56 10.16 -50.34
N LEU D 95 11.13 9.06 -49.74
CA LEU D 95 10.51 9.07 -48.42
C LEU D 95 11.44 9.67 -47.35
N TYR D 96 12.69 9.21 -47.34
CA TYR D 96 13.54 9.54 -46.22
C TYR D 96 14.19 10.91 -46.40
N THR D 97 14.16 11.42 -47.64
CA THR D 97 14.43 12.83 -47.87
C THR D 97 13.28 13.71 -47.36
N GLN D 98 12.05 13.35 -47.72
CA GLN D 98 10.86 14.14 -47.38
C GLN D 98 10.46 14.18 -45.91
N ASN D 99 10.68 13.10 -45.17
CA ASN D 99 10.38 13.12 -43.74
C ASN D 99 11.56 13.59 -42.90
N GLY D 100 12.64 14.04 -43.57
CA GLY D 100 13.79 14.66 -42.91
C GLY D 100 14.75 13.73 -42.18
N ILE D 101 14.61 12.41 -42.36
CA ILE D 101 15.47 11.44 -41.66
C ILE D 101 16.89 11.34 -42.18
N LEU D 102 17.09 11.41 -43.50
CA LEU D 102 18.43 11.49 -44.07
C LEU D 102 19.18 12.74 -43.60
N HIS D 103 18.53 13.90 -43.66
CA HIS D 103 19.12 15.12 -43.10
C HIS D 103 19.53 14.91 -41.63
N MET D 104 18.68 14.22 -40.87
CA MET D 104 18.95 14.01 -39.46
C MET D 104 20.16 13.06 -39.23
N LEU D 105 20.24 12.01 -40.04
CA LEU D 105 21.31 11.03 -39.94
C LEU D 105 22.64 11.67 -40.33
N ASP D 106 22.58 12.61 -41.27
CA ASP D 106 23.78 13.26 -41.76
C ASP D 106 24.32 14.22 -40.71
N ARG D 107 23.42 14.89 -39.99
CA ARG D 107 23.79 15.74 -38.87
C ARG D 107 24.40 14.90 -37.75
N ASN D 108 23.74 13.78 -37.42
CA ASN D 108 24.25 12.88 -36.39
C ASN D 108 25.67 12.40 -36.68
N LYS D 109 25.91 12.00 -37.92
CA LYS D 109 27.22 11.52 -38.36
C LYS D 109 28.31 12.59 -38.19
N ARG D 110 27.90 13.85 -38.27
CA ARG D 110 28.92 14.91 -38.13
C ARG D 110 29.23 15.14 -36.65
N ILE D 111 28.39 14.64 -35.74
CA ILE D 111 28.70 14.69 -34.29
C ILE D 111 29.52 13.49 -33.77
N LYS D 112 29.12 12.26 -34.08
CA LYS D 112 29.84 11.07 -33.62
C LYS D 112 29.48 9.90 -34.56
N PRO D 113 30.26 8.82 -34.55
CA PRO D 113 30.06 7.78 -35.56
C PRO D 113 28.75 6.99 -35.40
N ARG D 114 28.36 6.70 -34.17
CA ARG D 114 27.25 5.78 -33.93
C ARG D 114 26.39 6.16 -32.73
N PRO D 115 25.13 5.75 -32.73
CA PRO D 115 24.37 6.00 -31.51
C PRO D 115 24.97 5.19 -30.35
N GLU D 116 24.72 5.61 -29.11
CA GLU D 116 25.25 4.99 -27.93
C GLU D 116 24.17 4.65 -26.94
N ARG D 117 24.26 3.44 -26.43
CA ARG D 117 23.28 2.92 -25.51
C ARG D 117 23.71 3.24 -24.07
N PHE D 118 22.89 4.00 -23.35
CA PHE D 118 23.15 4.38 -21.96
C PHE D 118 23.55 3.23 -21.05
N GLN D 119 22.81 2.10 -21.09
CA GLN D 119 23.02 0.99 -20.15
C GLN D 119 24.35 0.29 -20.41
N ASN D 120 25.00 0.64 -21.52
CA ASN D 120 26.26 -0.04 -21.88
C ASN D 120 27.48 0.80 -21.68
N CYS D 121 27.30 2.04 -21.20
CA CYS D 121 28.44 2.93 -20.97
C CYS D 121 28.67 3.18 -19.48
N LYS D 122 29.90 3.50 -19.14
CA LYS D 122 30.22 4.01 -17.80
C LYS D 122 31.10 5.23 -18.03
N ASP D 123 30.54 6.36 -17.67
CA ASP D 123 31.22 7.61 -17.72
C ASP D 123 30.56 8.33 -16.57
N LEU D 124 31.18 9.37 -16.07
CA LEU D 124 30.65 10.11 -14.96
C LEU D 124 30.12 11.43 -15.43
N PHE D 125 28.96 11.84 -14.92
CA PHE D 125 28.40 13.19 -15.21
C PHE D 125 28.01 13.92 -13.94
N ASP D 126 27.88 15.22 -14.08
CA ASP D 126 27.36 16.05 -13.04
C ASP D 126 25.86 16.04 -13.15
N LEU D 127 25.36 16.02 -14.38
CA LEU D 127 23.95 16.23 -14.68
C LEU D 127 23.55 15.38 -15.87
N ILE D 128 22.50 14.57 -15.66
CA ILE D 128 21.89 13.75 -16.72
C ILE D 128 20.47 14.28 -16.96
N LEU D 129 20.20 14.70 -18.20
CA LEU D 129 18.86 15.18 -18.61
C LEU D 129 18.23 14.13 -19.54
N THR D 130 16.98 13.79 -19.26
CA THR D 130 16.28 12.84 -20.07
C THR D 130 15.18 13.57 -20.81
N CYS D 131 14.81 12.99 -21.97
CA CYS D 131 13.88 13.61 -22.94
C CYS D 131 12.44 13.15 -22.83
N GLU D 132 12.16 12.23 -21.91
CA GLU D 132 10.79 11.92 -21.53
C GLU D 132 10.80 10.99 -20.34
N GLU D 133 9.69 11.00 -19.61
CA GLU D 133 9.55 10.16 -18.40
C GLU D 133 9.99 8.67 -18.52
N ARG D 134 9.61 7.98 -19.60
CA ARG D 134 10.00 6.58 -19.75
C ARG D 134 11.54 6.49 -19.78
N VAL D 135 12.20 7.44 -20.45
CA VAL D 135 13.67 7.47 -20.48
C VAL D 135 14.25 7.78 -19.07
N TYR D 136 13.69 8.77 -18.38
CA TYR D 136 14.01 9.01 -16.96
C TYR D 136 13.97 7.70 -16.14
N ASP D 137 12.85 6.98 -16.21
CA ASP D 137 12.66 5.71 -15.47
C ASP D 137 13.74 4.74 -15.87
N GLN D 138 14.03 4.65 -17.17
CA GLN D 138 15.04 3.67 -17.59
C GLN D 138 16.43 4.02 -17.05
N VAL D 139 16.76 5.32 -17.06
CA VAL D 139 18.03 5.79 -16.55
C VAL D 139 18.16 5.51 -15.05
N VAL D 140 17.12 5.86 -14.28
CA VAL D 140 17.14 5.65 -12.83
C VAL D 140 17.22 4.18 -12.45
N GLU D 141 16.44 3.36 -13.13
CA GLU D 141 16.46 1.95 -12.79
C GLU D 141 17.84 1.35 -13.13
N ASP D 142 18.39 1.73 -14.26
CA ASP D 142 19.74 1.28 -14.59
C ASP D 142 20.82 1.76 -13.56
N LEU D 143 20.87 3.04 -13.20
CA LEU D 143 21.88 3.49 -12.20
C LEU D 143 21.60 2.94 -10.79
N ASN D 144 20.33 2.91 -10.39
CA ASN D 144 19.96 2.31 -9.10
C ASN D 144 20.37 0.83 -9.01
N SER D 145 20.56 0.16 -10.15
CA SER D 145 20.93 -1.27 -10.09
C SER D 145 22.45 -1.54 -10.24
N ARG D 146 23.21 -0.53 -10.63
CA ARG D 146 24.68 -0.64 -10.64
C ARG D 146 25.16 -0.59 -9.17
N GLU D 147 26.14 -1.37 -8.82
CA GLU D 147 26.64 -1.32 -7.45
C GLU D 147 27.44 -0.03 -7.19
N GLN D 148 27.06 0.73 -6.18
CA GLN D 148 27.76 1.97 -5.89
C GLN D 148 29.21 1.70 -5.48
N GLU D 149 30.16 2.49 -5.99
CA GLU D 149 31.57 2.31 -5.56
C GLU D 149 32.03 3.50 -4.71
N THR D 150 31.52 4.65 -5.06
CA THR D 150 32.07 5.91 -4.63
C THR D 150 31.01 6.69 -3.84
N CYS D 151 29.75 6.44 -4.14
CA CYS D 151 28.63 7.19 -3.56
C CYS D 151 28.55 8.64 -3.99
N GLN D 152 29.33 9.03 -5.00
CA GLN D 152 29.17 10.36 -5.59
C GLN D 152 27.83 10.51 -6.26
N PRO D 153 27.04 11.56 -5.92
CA PRO D 153 25.75 11.63 -6.59
C PRO D 153 25.84 12.20 -8.00
N VAL D 154 24.89 11.80 -8.86
CA VAL D 154 24.67 12.44 -10.12
C VAL D 154 23.22 12.90 -10.14
N HIS D 155 22.99 14.15 -10.51
CA HIS D 155 21.63 14.68 -10.62
C HIS D 155 21.01 14.31 -11.95
N VAL D 156 19.78 13.83 -11.92
CA VAL D 156 19.05 13.42 -13.13
C VAL D 156 17.76 14.25 -13.18
N VAL D 157 17.51 14.92 -14.29
CA VAL D 157 16.35 15.79 -14.47
C VAL D 157 15.63 15.40 -15.78
N ASN D 158 14.30 15.28 -15.72
CA ASN D 158 13.50 15.01 -16.93
C ASN D 158 12.87 16.24 -17.46
N VAL D 159 12.84 16.34 -18.79
CA VAL D 159 12.00 17.28 -19.52
C VAL D 159 11.25 16.48 -20.58
N ASP D 160 9.91 16.50 -20.55
CA ASP D 160 9.13 15.83 -21.58
C ASP D 160 9.28 16.59 -22.92
N ILE D 161 9.93 15.93 -23.85
CA ILE D 161 10.09 16.48 -25.18
C ILE D 161 9.42 15.52 -26.18
N GLN D 162 8.48 16.07 -26.96
CA GLN D 162 7.83 15.30 -28.02
C GLN D 162 8.81 14.81 -29.07
N ASP D 163 8.63 13.58 -29.53
CA ASP D 163 9.49 13.05 -30.59
C ASP D 163 9.05 13.60 -31.96
N ASN D 164 9.52 14.79 -32.29
CA ASN D 164 9.46 15.33 -33.65
C ASN D 164 10.51 16.41 -33.80
N HIS D 165 10.87 16.76 -35.03
CA HIS D 165 12.03 17.67 -35.30
C HIS D 165 11.90 19.05 -34.65
N GLU D 166 10.71 19.62 -34.74
CA GLU D 166 10.49 20.97 -34.20
C GLU D 166 10.53 20.97 -32.69
N GLU D 167 9.82 20.02 -32.07
CA GLU D 167 9.85 19.91 -30.62
C GLU D 167 11.23 19.56 -30.12
N ALA D 168 11.96 18.72 -30.85
CA ALA D 168 13.31 18.40 -30.42
C ALA D 168 14.22 19.65 -30.40
N THR D 169 14.04 20.54 -31.38
CA THR D 169 14.79 21.75 -31.43
C THR D 169 14.44 22.68 -30.29
N LEU D 170 13.17 22.85 -30.03
CA LEU D 170 12.72 23.67 -28.96
C LEU D 170 13.20 23.14 -27.65
N GLY D 171 12.91 21.90 -27.39
CA GLY D 171 13.47 21.17 -26.23
C GLY D 171 15.00 21.31 -26.10
N ALA D 172 15.73 21.15 -27.19
CA ALA D 172 17.19 21.31 -27.11
C ALA D 172 17.59 22.71 -26.62
N PHE D 173 16.97 23.76 -27.18
CA PHE D 173 17.22 25.10 -26.67
C PHE D 173 16.81 25.34 -25.20
N LEU D 174 15.72 24.74 -24.77
CA LEU D 174 15.34 24.83 -23.36
C LEU D 174 16.34 24.12 -22.48
N ILE D 175 16.83 22.98 -22.96
CA ILE D 175 17.81 22.25 -22.19
C ILE D 175 19.11 23.09 -22.05
N CYS D 176 19.53 23.72 -23.15
CA CYS D 176 20.67 24.62 -23.15
C CYS D 176 20.43 25.75 -22.16
N GLU D 177 19.25 26.39 -22.22
CA GLU D 177 18.96 27.46 -21.28
C GLU D 177 19.10 26.97 -19.84
N LEU D 178 18.56 25.78 -19.55
CA LEU D 178 18.68 25.19 -18.19
C LEU D 178 20.13 24.92 -17.75
N CYS D 179 20.90 24.26 -18.61
CA CYS D 179 22.30 23.98 -18.34
C CYS D 179 23.07 25.27 -18.15
N GLN D 180 22.86 26.26 -18.98
CA GLN D 180 23.54 27.53 -18.74
C GLN D 180 23.18 28.13 -17.39
N CYS D 181 21.90 28.05 -17.04
CA CYS D 181 21.41 28.65 -15.79
C CYS D 181 22.03 27.97 -14.56
N ILE D 182 22.07 26.65 -14.56
CA ILE D 182 22.69 25.86 -13.50
C ILE D 182 24.21 26.10 -13.43
N GLN D 183 24.88 26.26 -14.56
CA GLN D 183 26.30 26.56 -14.54
C GLN D 183 26.62 27.89 -13.88
N HIS D 184 25.70 28.84 -13.95
CA HIS D 184 25.92 30.14 -13.32
C HIS D 184 25.70 30.18 -11.79
N THR D 185 25.04 29.17 -11.17
CA THR D 185 24.95 29.22 -9.68
C THR D 185 26.24 28.79 -9.04
N GLU D 186 26.48 29.38 -7.89
CA GLU D 186 27.69 29.12 -7.12
C GLU D 186 27.67 27.69 -6.58
N ASP D 187 26.49 27.18 -6.27
CA ASP D 187 26.37 25.92 -5.55
C ASP D 187 25.26 25.12 -6.15
N MET D 188 25.64 24.33 -7.13
CA MET D 188 24.74 23.59 -7.93
C MET D 188 23.72 22.77 -7.08
N GLU D 189 24.21 21.97 -6.13
CA GLU D 189 23.31 21.07 -5.41
C GLU D 189 22.38 21.81 -4.44
N ASN D 190 22.84 22.92 -3.88
CA ASN D 190 21.98 23.69 -2.98
C ASN D 190 20.86 24.50 -3.71
N GLU D 191 21.08 24.81 -4.98
CA GLU D 191 20.18 25.76 -5.69
C GLU D 191 19.37 25.15 -6.80
N ILE D 192 19.78 23.96 -7.24
CA ILE D 192 19.22 23.35 -8.44
C ILE D 192 17.69 23.23 -8.40
N ASP D 193 17.15 22.78 -7.28
CA ASP D 193 15.70 22.66 -7.20
C ASP D 193 15.02 24.00 -7.30
N GLU D 194 15.56 25.03 -6.64
CA GLU D 194 14.96 26.38 -6.73
C GLU D 194 14.95 26.88 -8.19
N LEU D 195 16.01 26.54 -8.91
CA LEU D 195 16.14 26.88 -10.31
C LEU D 195 15.18 26.06 -11.19
N LEU D 196 15.05 24.77 -10.90
CA LEU D 196 14.02 23.96 -11.59
C LEU D 196 12.65 24.54 -11.40
N GLN D 197 12.35 24.98 -10.17
CA GLN D 197 11.01 25.48 -9.88
C GLN D 197 10.75 26.77 -10.65
N GLU D 198 11.74 27.65 -10.69
CA GLU D 198 11.64 28.95 -11.39
C GLU D 198 11.41 28.67 -12.87
N PHE D 199 12.12 27.68 -13.37
CA PHE D 199 11.98 27.30 -14.74
C PHE D 199 10.66 26.58 -15.07
N GLU D 200 10.11 25.78 -14.16
CA GLU D 200 8.79 25.19 -14.41
C GLU D 200 7.82 26.36 -14.55
N GLU D 201 7.91 27.29 -13.60
CA GLU D 201 7.07 28.47 -13.57
C GLU D 201 7.11 29.32 -14.86
N LYS D 202 8.30 29.43 -15.49
CA LYS D 202 8.48 30.27 -16.69
C LYS D 202 8.20 29.53 -17.99
N SER D 203 8.40 28.22 -17.99
CA SER D 203 8.21 27.44 -19.19
C SER D 203 6.82 26.79 -19.27
N GLY D 204 6.13 26.68 -18.14
CA GLY D 204 4.93 25.86 -18.05
C GLY D 204 5.20 24.37 -18.23
N ARG D 205 6.46 23.93 -18.20
CA ARG D 205 6.76 22.49 -18.31
C ARG D 205 7.14 21.90 -16.93
N THR D 206 7.11 20.58 -16.76
CA THR D 206 7.44 20.04 -15.45
C THR D 206 8.78 19.30 -15.51
N PHE D 207 9.58 19.44 -14.46
CA PHE D 207 10.95 18.86 -14.39
C PHE D 207 11.11 17.93 -13.20
N LEU D 208 10.85 16.66 -13.42
CA LEU D 208 11.18 15.65 -12.42
C LEU D 208 12.69 15.74 -12.10
N HIS D 209 13.06 15.56 -10.83
CA HIS D 209 14.48 15.66 -10.41
C HIS D 209 14.82 14.63 -9.32
N THR D 210 15.80 13.78 -9.60
CA THR D 210 16.31 12.86 -8.58
C THR D 210 17.84 12.83 -8.56
N VAL D 211 18.42 12.00 -7.71
CA VAL D 211 19.86 11.74 -7.76
C VAL D 211 20.05 10.24 -7.80
N CYS D 212 21.07 9.76 -8.53
CA CYS D 212 21.53 8.39 -8.40
C CYS D 212 22.99 8.48 -7.92
N PHE D 213 23.62 7.35 -7.66
CA PHE D 213 24.92 7.33 -7.03
C PHE D 213 25.87 6.41 -7.74
N TYR D 214 27.06 6.95 -7.99
CA TYR D 214 28.17 6.15 -8.49
C TYR D 214 28.83 5.40 -7.39
N PRO E 2 5.84 6.07 -33.40
CA PRO E 2 5.23 5.25 -34.49
C PRO E 2 5.48 5.86 -35.89
N THR E 3 5.35 7.18 -35.92
CA THR E 3 5.59 8.06 -37.06
C THR E 3 6.78 9.01 -36.75
N SER E 4 7.19 9.05 -35.49
CA SER E 4 8.16 10.05 -35.03
C SER E 4 9.64 9.68 -35.35
N PRO E 5 10.57 10.66 -35.36
CA PRO E 5 11.96 10.36 -35.78
C PRO E 5 12.75 9.36 -34.95
N SEP E 6 12.39 9.21 -33.68
CA SEP E 6 13.02 8.19 -32.83
CB SEP E 6 13.40 8.73 -31.44
OG SEP E 6 14.68 9.38 -31.48
C SEP E 6 12.18 6.91 -32.70
O SEP E 6 12.65 5.93 -32.08
P SEP E 6 15.10 10.04 -30.07
O1P SEP E 6 14.31 11.42 -29.86
O2P SEP E 6 16.67 10.22 -30.01
O3P SEP E 6 14.60 9.11 -28.87
N TYR E 7 10.99 6.92 -33.31
CA TYR E 7 10.03 5.82 -33.21
C TYR E 7 9.93 5.38 -31.75
N SER E 8 9.58 6.33 -30.89
CA SER E 8 9.62 6.10 -29.46
C SER E 8 8.29 5.49 -28.96
N PRO E 9 8.40 4.51 -28.04
CA PRO E 9 7.29 3.68 -27.47
C PRO E 9 5.96 4.43 -27.17
P PO4 F . -16.28 -20.25 28.76
O1 PO4 F . -17.63 -19.60 28.97
O2 PO4 F . -16.04 -21.21 29.94
O3 PO4 F . -15.16 -19.27 28.83
O4 PO4 F . -16.25 -21.01 27.44
#